data_5BX3
#
_entry.id   5BX3
#
_cell.length_a   177.309
_cell.length_b   54.662
_cell.length_c   83.078
_cell.angle_alpha   90.00
_cell.angle_beta   90.00
_cell.angle_gamma   90.00
#
_symmetry.space_group_name_H-M   'P 21 21 2'
#
loop_
_entity.id
_entity.type
_entity.pdbx_description
1 polymer beta-glucosidase
2 non-polymer 1-DEOXYNOJIRIMYCIN
3 non-polymer GLYCEROL
4 non-polymer 'CALCIUM ION'
5 non-polymer 1,2-ETHANEDIOL
6 water water
#
_entity_poly.entity_id   1
_entity_poly.type   'polypeptide(L)'
_entity_poly.pdbx_seq_one_letter_code
;AMALTGCSEKININEDKISHKIDIPDSAWTIGIGEKFKNAGHPNVKYPMIDDSYVQGAPLGGFGAGTIGRTYNGGFSRWH
LEIGKNKYTTVYANQFSVFQKVEGNKDGVAQVLYAGEPENGYLSSWKWDYPKESGMYYALYPNSWYTYTNKDLPVQLAVK
QFSPIIPYNYKETSYPVAVFKWTAYNPTNKNVDVSIMFTWQNMIGFFGKQVNVNSGNFNKIIKDKSKDSEIVAAVMGNIS
NDNEEWNGEYSIGVKKVPGVDISYKAKFVTTGDGSDLWHEFSKNGILDNKDDETPTKQDGIGSAIAVNFKLQPGQTIEVP
FALSWDLPIMKFGGGDKWYKMYTKYFGKNGKNSFAILKEALNNYQKWEKMIDDWQKPILSNKSKPDWYKTALFNELYYLA
DGGTAWENGKVGEKDKRTNNMFGLLECFDYNYYETLDVRFYGSFPLVMLWPDIEKQVMRQFADTINVQDSSEFKVGSNGA
MAVKKVQGMIPHDLGSSYALPWIKINAYDWQNPNIWKDLNSKYVLLVYRDYVLTGKTDKEFLKYTWKSVKTALDKLKEMD
KDNDGIPDNEGIPDQTYDTWSMKGTSAYCGSLWLAALKAAQEIGKVLKDNEAYIKYNEWYKIAQQNFEKELWNGEYYNFD
TESDHKDSIMADQLAGQWYADILRLGDILPKDHVQKALKKIYEFNVMKFENGKMGAVNGMRPDGIVDESDIQAQEVWTGV
TYALASFMKYRGMTEEAYNTAYGVYKMTYDKSGKGYWFRTPEAWTKDGNYRASMYMRPLSIWSMEVNYNEVLEHHHHHH
;
_entity_poly.pdbx_strand_id   A
#
loop_
_chem_comp.id
_chem_comp.type
_chem_comp.name
_chem_comp.formula
CA non-polymer 'CALCIUM ION' 'Ca 2'
EDO non-polymer 1,2-ETHANEDIOL 'C2 H6 O2'
GOL non-polymer GLYCEROL 'C3 H8 O3'
NOJ non-polymer 1-DEOXYNOJIRIMYCIN 'C6 H13 N O4'
#
# COMPACT_ATOMS: atom_id res chain seq x y z
N ASP A 16 -21.29 -5.64 -24.48
CA ASP A 16 -19.81 -5.58 -24.20
C ASP A 16 -19.01 -6.43 -25.20
N LYS A 17 -18.62 -5.78 -26.29
CA LYS A 17 -17.73 -6.36 -27.30
C LYS A 17 -16.28 -5.88 -27.17
N ILE A 18 -15.98 -5.02 -26.19
CA ILE A 18 -14.62 -4.49 -25.99
C ILE A 18 -13.77 -5.44 -25.14
N SER A 19 -14.41 -6.16 -24.22
CA SER A 19 -13.70 -7.11 -23.31
C SER A 19 -12.75 -8.07 -24.02
N HIS A 20 -13.14 -8.56 -25.18
CA HIS A 20 -12.33 -9.55 -25.92
C HIS A 20 -11.21 -8.91 -26.75
N LYS A 21 -11.22 -7.59 -26.90
CA LYS A 21 -10.12 -6.88 -27.55
C LYS A 21 -9.00 -6.52 -26.58
N ILE A 22 -9.20 -6.80 -25.29
CA ILE A 22 -8.20 -6.51 -24.25
C ILE A 22 -8.07 -7.74 -23.38
N ASP A 23 -7.07 -7.80 -22.52
CA ASP A 23 -6.87 -9.04 -21.79
C ASP A 23 -6.93 -8.81 -20.28
N ILE A 24 -8.13 -8.86 -19.71
CA ILE A 24 -8.26 -8.66 -18.27
C ILE A 24 -8.26 -10.01 -17.60
N PRO A 25 -7.38 -10.21 -16.60
CA PRO A 25 -7.37 -11.53 -15.97
C PRO A 25 -8.68 -11.80 -15.21
N ASP A 26 -9.07 -13.07 -15.15
CA ASP A 26 -10.29 -13.44 -14.43
C ASP A 26 -10.24 -13.13 -12.93
N SER A 27 -9.06 -13.09 -12.34
CA SER A 27 -8.92 -12.73 -10.91
C SER A 27 -9.00 -11.22 -10.61
N ALA A 28 -9.08 -10.36 -11.63
CA ALA A 28 -9.28 -8.91 -11.34
C ALA A 28 -10.50 -8.70 -10.46
N TRP A 29 -10.36 -7.81 -9.47
CA TRP A 29 -11.50 -7.32 -8.72
C TRP A 29 -12.35 -6.46 -9.66
N THR A 30 -13.68 -6.61 -9.58
N THR A 30 -13.67 -6.56 -9.53
CA THR A 30 -14.56 -5.89 -10.50
CA THR A 30 -14.54 -5.86 -10.45
C THR A 30 -15.71 -5.17 -9.80
C THR A 30 -15.71 -5.16 -9.79
N ILE A 31 -16.13 -4.06 -10.37
CA ILE A 31 -17.28 -3.29 -9.88
C ILE A 31 -17.82 -2.48 -11.03
N GLY A 32 -19.12 -2.22 -11.02
CA GLY A 32 -19.71 -1.32 -12.02
C GLY A 32 -19.32 0.14 -11.84
N ILE A 33 -19.00 0.81 -12.93
CA ILE A 33 -18.80 2.27 -12.88
C ILE A 33 -20.11 2.91 -12.42
N GLY A 34 -20.03 3.74 -11.38
CA GLY A 34 -21.21 4.37 -10.79
C GLY A 34 -21.98 3.49 -9.80
N GLU A 35 -21.49 2.30 -9.51
CA GLU A 35 -22.22 1.36 -8.67
C GLU A 35 -22.29 1.92 -7.26
N LYS A 36 -23.47 1.79 -6.67
CA LYS A 36 -23.66 2.16 -5.27
C LYS A 36 -23.37 0.90 -4.48
N PHE A 37 -22.73 1.06 -3.34
CA PHE A 37 -22.50 -0.07 -2.45
C PHE A 37 -23.28 0.20 -1.19
N LYS A 38 -24.12 -0.73 -0.75
CA LYS A 38 -25.00 -0.49 0.40
C LYS A 38 -24.50 -0.99 1.73
N ASN A 39 -23.52 -1.88 1.76
CA ASN A 39 -23.17 -2.48 3.03
C ASN A 39 -21.95 -1.89 3.76
N ALA A 40 -21.57 -0.63 3.47
CA ALA A 40 -20.20 -0.21 3.81
C ALA A 40 -19.98 -0.03 5.29
N GLY A 41 -18.83 -0.48 5.78
CA GLY A 41 -18.46 -0.26 7.17
C GLY A 41 -17.93 1.12 7.48
N HIS A 42 -17.88 1.44 8.77
CA HIS A 42 -17.40 2.73 9.26
C HIS A 42 -16.54 2.50 10.48
N PRO A 43 -15.78 3.53 10.92
CA PRO A 43 -14.91 3.28 12.08
C PRO A 43 -15.71 2.96 13.34
N ASN A 44 -15.17 2.10 14.18
CA ASN A 44 -15.85 1.71 15.40
C ASN A 44 -15.19 2.25 16.67
N VAL A 45 -14.33 3.26 16.53
CA VAL A 45 -13.64 3.89 17.67
C VAL A 45 -14.33 5.20 18.12
N LYS A 46 -13.88 5.77 19.25
CA LYS A 46 -14.48 7.00 19.80
C LYS A 46 -13.96 8.29 19.16
N TYR A 47 -12.66 8.38 18.90
CA TYR A 47 -12.09 9.59 18.34
C TYR A 47 -12.20 9.57 16.82
N PRO A 48 -12.08 10.73 16.18
CA PRO A 48 -12.17 10.81 14.74
C PRO A 48 -11.19 9.87 14.07
N MET A 49 -11.64 9.23 13.01
CA MET A 49 -10.80 8.29 12.29
C MET A 49 -11.11 8.42 10.81
N ILE A 50 -10.08 8.29 9.99
CA ILE A 50 -10.25 8.40 8.54
C ILE A 50 -11.32 7.42 8.01
N ASP A 51 -12.28 7.96 7.25
CA ASP A 51 -13.24 7.16 6.51
C ASP A 51 -13.49 7.84 5.19
N ASP A 52 -12.81 7.40 4.14
CA ASP A 52 -12.92 8.07 2.85
C ASP A 52 -14.00 7.47 1.94
N SER A 53 -14.83 6.58 2.47
CA SER A 53 -15.86 5.91 1.67
C SER A 53 -15.28 4.78 0.84
N TYR A 54 -16.19 4.04 0.23
CA TYR A 54 -15.86 2.91 -0.62
C TYR A 54 -15.52 3.31 -2.06
N VAL A 55 -15.58 4.59 -2.41
CA VAL A 55 -15.24 5.00 -3.76
C VAL A 55 -13.72 5.16 -3.84
N GLN A 56 -13.07 4.03 -4.11
CA GLN A 56 -11.61 3.95 -4.18
C GLN A 56 -11.22 3.19 -5.42
N GLY A 57 -9.92 3.16 -5.70
CA GLY A 57 -9.36 2.34 -6.80
C GLY A 57 -7.88 2.02 -6.55
N ALA A 58 -7.29 1.27 -7.47
CA ALA A 58 -5.86 0.96 -7.39
C ALA A 58 -5.08 2.25 -7.60
N PRO A 59 -4.03 2.49 -6.78
CA PRO A 59 -3.28 3.72 -6.93
C PRO A 59 -2.31 3.72 -8.10
N LEU A 60 -1.96 4.92 -8.55
CA LEU A 60 -0.95 5.14 -9.58
C LEU A 60 0.23 5.82 -8.94
N GLY A 61 1.43 5.50 -9.40
CA GLY A 61 2.65 6.08 -8.84
C GLY A 61 3.58 5.07 -8.20
N GLY A 62 4.87 5.32 -8.35
CA GLY A 62 5.87 4.44 -7.79
C GLY A 62 6.17 4.63 -6.31
N PHE A 63 7.05 3.77 -5.81
CA PHE A 63 7.50 3.83 -4.42
C PHE A 63 8.24 5.13 -4.13
N GLY A 64 7.77 5.86 -3.14
CA GLY A 64 8.39 7.11 -2.71
C GLY A 64 8.09 8.29 -3.61
N ALA A 65 7.23 8.09 -4.62
CA ALA A 65 6.90 9.13 -5.60
C ALA A 65 5.75 10.03 -5.19
N GLY A 66 4.99 9.64 -4.18
CA GLY A 66 3.65 10.15 -4.02
C GLY A 66 2.75 9.36 -4.95
N THR A 67 1.56 8.98 -4.47
CA THR A 67 0.64 8.23 -5.28
C THR A 67 -0.65 8.99 -5.44
N ILE A 68 -1.37 8.61 -6.50
CA ILE A 68 -2.66 9.22 -6.82
C ILE A 68 -3.65 8.06 -6.95
N GLY A 69 -4.70 8.07 -6.13
CA GLY A 69 -5.76 7.10 -6.24
C GLY A 69 -6.87 7.58 -7.16
N ARG A 70 -6.98 6.92 -8.32
CA ARG A 70 -8.09 7.12 -9.23
C ARG A 70 -9.14 6.08 -8.92
N THR A 71 -10.37 6.51 -8.70
CA THR A 71 -11.38 5.60 -8.17
C THR A 71 -12.12 4.88 -9.31
N TYR A 72 -12.93 3.88 -8.92
CA TYR A 72 -13.70 3.13 -9.87
C TYR A 72 -14.75 3.97 -10.59
N ASN A 73 -15.07 5.13 -10.06
CA ASN A 73 -15.94 6.07 -10.73
C ASN A 73 -15.20 7.00 -11.70
N GLY A 74 -13.86 6.95 -11.69
CA GLY A 74 -13.04 7.65 -12.71
C GLY A 74 -12.34 8.89 -12.20
N GLY A 75 -12.68 9.33 -10.99
CA GLY A 75 -12.09 10.54 -10.43
C GLY A 75 -10.73 10.35 -9.84
N PHE A 76 -9.89 11.35 -10.00
CA PHE A 76 -8.61 11.40 -9.30
C PHE A 76 -8.88 12.03 -7.92
N SER A 77 -8.95 11.17 -6.91
CA SER A 77 -9.57 11.52 -5.63
C SER A 77 -8.76 11.26 -4.38
N ARG A 78 -7.94 10.22 -4.33
CA ARG A 78 -7.15 9.95 -3.12
C ARG A 78 -5.71 10.36 -3.30
N TRP A 79 -5.36 11.54 -2.78
CA TRP A 79 -4.09 12.17 -3.06
C TRP A 79 -3.09 11.86 -1.96
N HIS A 80 -2.05 11.12 -2.30
CA HIS A 80 -0.98 10.86 -1.35
C HIS A 80 0.33 11.53 -1.85
N LEU A 81 0.19 12.65 -2.53
CA LEU A 81 1.37 13.33 -3.10
C LEU A 81 2.21 14.05 -2.07
N GLU A 82 1.57 14.55 -1.02
CA GLU A 82 2.26 15.03 0.15
C GLU A 82 2.59 13.81 1.01
N ILE A 83 3.87 13.48 1.05
CA ILE A 83 4.30 12.18 1.54
C ILE A 83 3.94 12.02 2.99
N GLY A 84 3.15 11.00 3.31
CA GLY A 84 2.74 10.73 4.67
C GLY A 84 1.35 11.21 5.01
N LYS A 85 0.73 11.96 4.07
CA LYS A 85 -0.62 12.49 4.26
C LYS A 85 -1.60 11.84 3.28
N ASN A 86 -2.85 11.72 3.74
CA ASN A 86 -3.94 11.21 2.96
C ASN A 86 -4.97 12.35 2.79
N LYS A 87 -5.19 12.76 1.56
CA LYS A 87 -6.15 13.82 1.25
C LYS A 87 -7.13 13.34 0.19
N TYR A 88 -8.38 13.12 0.61
CA TYR A 88 -9.41 12.61 -0.30
C TYR A 88 -10.27 13.78 -0.77
N THR A 89 -10.10 14.14 -2.03
CA THR A 89 -10.89 15.18 -2.65
C THR A 89 -10.73 15.01 -4.16
N THR A 90 -11.84 15.03 -4.88
CA THR A 90 -11.82 14.84 -6.31
C THR A 90 -11.44 16.17 -6.95
N VAL A 91 -10.43 16.14 -7.81
CA VAL A 91 -10.03 17.32 -8.57
C VAL A 91 -10.78 17.19 -9.88
N TYR A 92 -11.88 17.93 -10.02
CA TYR A 92 -12.83 17.65 -11.07
C TYR A 92 -12.29 17.87 -12.48
N ALA A 93 -11.36 18.80 -12.65
CA ALA A 93 -10.75 19.03 -13.96
C ALA A 93 -9.96 17.84 -14.50
N ASN A 94 -9.55 16.93 -13.61
CA ASN A 94 -8.74 15.78 -13.99
C ASN A 94 -9.60 14.65 -14.49
N GLN A 95 -9.64 14.46 -15.81
CA GLN A 95 -10.55 13.48 -16.41
C GLN A 95 -10.11 13.00 -17.77
N PHE A 96 -10.69 11.87 -18.15
CA PHE A 96 -10.81 11.50 -19.55
C PHE A 96 -12.25 11.77 -20.03
N SER A 97 -12.35 12.31 -21.23
CA SER A 97 -13.62 12.61 -21.87
C SER A 97 -13.63 12.00 -23.27
N VAL A 98 -14.83 11.75 -23.79
CA VAL A 98 -14.99 11.15 -25.14
C VAL A 98 -16.01 11.93 -25.97
N PHE A 99 -15.72 12.04 -27.26
CA PHE A 99 -16.64 12.58 -28.24
C PHE A 99 -16.86 11.50 -29.28
N GLN A 100 -18.10 11.30 -29.71
CA GLN A 100 -18.38 10.38 -30.80
C GLN A 100 -19.43 10.96 -31.74
N LYS A 101 -19.19 10.80 -33.03
CA LYS A 101 -20.17 11.19 -34.04
C LYS A 101 -20.23 10.12 -35.12
N VAL A 102 -21.44 9.61 -35.37
CA VAL A 102 -21.65 8.66 -36.47
C VAL A 102 -21.63 9.43 -37.80
N GLU A 103 -20.86 8.97 -38.76
CA GLU A 103 -20.88 9.60 -40.10
C GLU A 103 -22.31 9.66 -40.61
N GLY A 104 -22.73 10.81 -41.10
CA GLY A 104 -24.11 11.00 -41.57
C GLY A 104 -25.01 11.70 -40.58
N ASN A 105 -24.55 11.90 -39.35
CA ASN A 105 -25.32 12.67 -38.38
C ASN A 105 -24.85 14.10 -38.36
N LYS A 106 -25.73 15.00 -37.91
CA LYS A 106 -25.43 16.43 -37.81
C LYS A 106 -24.55 16.71 -36.57
N ASP A 107 -24.90 16.10 -35.45
CA ASP A 107 -24.19 16.34 -34.19
C ASP A 107 -23.59 15.07 -33.60
N GLY A 108 -22.55 15.23 -32.80
CA GLY A 108 -21.95 14.13 -32.08
C GLY A 108 -22.35 14.27 -30.63
N VAL A 109 -21.80 13.41 -29.77
CA VAL A 109 -22.06 13.51 -28.34
C VAL A 109 -20.73 13.53 -27.61
N ALA A 110 -20.67 14.26 -26.50
CA ALA A 110 -19.46 14.36 -25.68
C ALA A 110 -19.82 14.06 -24.25
N GLN A 111 -18.95 13.36 -23.54
CA GLN A 111 -19.24 12.89 -22.20
C GLN A 111 -17.93 12.78 -21.41
N VAL A 112 -17.92 13.33 -20.20
CA VAL A 112 -16.85 13.09 -19.26
C VAL A 112 -17.00 11.68 -18.72
N LEU A 113 -15.90 10.93 -18.64
CA LEU A 113 -15.94 9.57 -18.13
C LEU A 113 -15.76 9.57 -16.59
N TYR A 114 -16.74 10.18 -15.94
CA TYR A 114 -16.78 10.31 -14.51
C TYR A 114 -18.21 10.15 -14.05
N ALA A 115 -18.43 9.19 -13.17
CA ALA A 115 -19.78 8.90 -12.65
C ALA A 115 -20.06 9.81 -11.47
N GLY A 116 -20.22 11.09 -11.78
CA GLY A 116 -20.53 12.08 -10.76
C GLY A 116 -20.50 13.46 -11.39
N GLU A 117 -20.56 14.48 -10.55
CA GLU A 117 -20.46 15.86 -11.02
C GLU A 117 -19.83 16.70 -9.92
N PRO A 118 -19.36 17.91 -10.26
CA PRO A 118 -18.76 18.79 -9.25
C PRO A 118 -19.79 19.26 -8.22
N GLU A 119 -19.36 19.60 -7.02
CA GLU A 119 -20.31 20.09 -6.01
C GLU A 119 -20.75 21.54 -6.26
N ASN A 120 -19.87 22.35 -6.86
CA ASN A 120 -20.17 23.77 -7.14
C ASN A 120 -20.31 24.01 -8.63
N GLY A 121 -20.25 25.27 -9.04
CA GLY A 121 -20.48 25.65 -10.44
C GLY A 121 -19.29 25.59 -11.36
N TYR A 122 -18.12 25.19 -10.84
CA TYR A 122 -16.97 25.10 -11.73
C TYR A 122 -17.16 23.91 -12.67
N LEU A 123 -16.81 24.13 -13.93
CA LEU A 123 -16.87 23.16 -15.00
C LEU A 123 -18.30 22.75 -15.31
N SER A 124 -19.24 23.67 -15.05
CA SER A 124 -20.65 23.35 -15.25
C SER A 124 -20.97 23.05 -16.71
N SER A 125 -20.17 23.57 -17.64
CA SER A 125 -20.46 23.34 -19.05
C SER A 125 -20.16 21.91 -19.51
N TRP A 126 -19.32 21.19 -18.78
CA TRP A 126 -18.94 19.83 -19.20
C TRP A 126 -20.12 18.88 -18.99
N LYS A 127 -20.12 17.76 -19.73
CA LYS A 127 -21.19 16.77 -19.64
C LYS A 127 -20.82 15.72 -18.57
N TRP A 128 -21.40 15.88 -17.39
CA TRP A 128 -21.07 15.07 -16.22
C TRP A 128 -21.98 13.84 -16.11
N ASP A 129 -21.88 13.13 -14.99
CA ASP A 129 -22.77 12.02 -14.65
C ASP A 129 -22.79 10.91 -15.69
N TYR A 130 -21.62 10.30 -15.89
CA TYR A 130 -21.53 9.12 -16.71
C TYR A 130 -22.58 8.12 -16.16
N PRO A 131 -23.43 7.57 -17.02
CA PRO A 131 -24.56 6.81 -16.50
C PRO A 131 -24.20 5.45 -15.94
N LYS A 132 -25.02 4.99 -14.99
CA LYS A 132 -24.90 3.62 -14.44
C LYS A 132 -25.11 2.57 -15.52
N GLU A 133 -24.68 1.34 -15.22
CA GLU A 133 -24.86 0.14 -16.08
C GLU A 133 -24.24 0.30 -17.45
N SER A 134 -23.19 1.10 -17.54
CA SER A 134 -22.62 1.41 -18.82
C SER A 134 -21.11 1.25 -18.84
N GLY A 135 -20.56 0.40 -17.97
CA GLY A 135 -19.11 0.24 -17.91
C GLY A 135 -18.71 -0.43 -16.62
N MET A 136 -17.50 -0.99 -16.62
CA MET A 136 -16.97 -1.73 -15.49
C MET A 136 -15.55 -1.26 -15.19
N TYR A 137 -15.17 -1.42 -13.92
CA TYR A 137 -13.83 -1.18 -13.45
C TYR A 137 -13.27 -2.51 -13.00
N TYR A 138 -12.00 -2.73 -13.29
CA TYR A 138 -11.32 -3.96 -12.94
C TYR A 138 -9.96 -3.63 -12.36
N ALA A 139 -9.52 -4.38 -11.37
CA ALA A 139 -8.22 -4.12 -10.78
C ALA A 139 -7.47 -5.38 -10.42
N LEU A 140 -6.22 -5.46 -10.87
CA LEU A 140 -5.27 -6.46 -10.39
C LEU A 140 -3.91 -5.77 -10.31
N TYR A 141 -3.71 -5.14 -9.16
CA TYR A 141 -2.56 -4.24 -8.93
C TYR A 141 -1.26 -4.88 -9.43
N PRO A 142 -0.43 -4.13 -10.19
CA PRO A 142 -0.45 -2.68 -10.43
C PRO A 142 -1.33 -2.22 -11.60
N ASN A 143 -2.03 -3.14 -12.27
CA ASN A 143 -2.94 -2.80 -13.35
C ASN A 143 -4.37 -2.54 -12.91
N SER A 144 -5.03 -1.61 -13.57
CA SER A 144 -6.48 -1.52 -13.52
C SER A 144 -7.01 -1.14 -14.89
N TRP A 145 -8.32 -1.32 -15.07
CA TRP A 145 -8.96 -1.15 -16.34
C TRP A 145 -10.35 -0.55 -16.14
N TYR A 146 -10.77 0.25 -17.10
CA TYR A 146 -12.17 0.69 -17.22
C TYR A 146 -12.65 0.28 -18.61
N THR A 147 -13.89 -0.19 -18.67
CA THR A 147 -14.57 -0.45 -19.95
C THR A 147 -15.79 0.47 -20.02
N TYR A 148 -16.09 0.94 -21.23
CA TYR A 148 -17.18 1.88 -21.47
C TYR A 148 -18.03 1.28 -22.60
N THR A 149 -19.20 0.81 -22.18
CA THR A 149 -20.11 0.05 -23.02
C THR A 149 -21.44 0.75 -22.83
N ASN A 150 -21.67 1.80 -23.61
CA ASN A 150 -22.75 2.76 -23.41
C ASN A 150 -23.60 2.77 -24.65
N LYS A 151 -24.92 2.69 -24.46
CA LYS A 151 -25.82 2.57 -25.61
C LYS A 151 -25.82 3.81 -26.50
N ASP A 152 -25.43 4.96 -25.95
CA ASP A 152 -25.29 6.19 -26.72
C ASP A 152 -23.88 6.42 -27.27
N LEU A 153 -22.96 5.49 -27.06
CA LEU A 153 -21.62 5.60 -27.64
C LEU A 153 -21.39 4.37 -28.49
N PRO A 154 -21.59 4.49 -29.82
CA PRO A 154 -21.49 3.29 -30.66
C PRO A 154 -20.13 2.62 -30.63
N VAL A 155 -19.06 3.41 -30.45
CA VAL A 155 -17.74 2.86 -30.33
C VAL A 155 -17.47 2.55 -28.85
N GLN A 156 -17.04 1.32 -28.61
CA GLN A 156 -16.72 0.89 -27.26
C GLN A 156 -15.27 1.17 -26.96
N LEU A 157 -15.01 1.58 -25.72
CA LEU A 157 -13.69 1.97 -25.28
C LEU A 157 -13.28 1.20 -24.04
N ALA A 158 -11.97 1.01 -23.91
CA ALA A 158 -11.41 0.51 -22.66
C ALA A 158 -10.09 1.15 -22.45
N VAL A 159 -9.68 1.24 -21.19
CA VAL A 159 -8.36 1.76 -20.86
C VAL A 159 -7.69 0.84 -19.88
N LYS A 160 -6.42 0.57 -20.10
CA LYS A 160 -5.60 -0.11 -19.10
C LYS A 160 -4.63 0.92 -18.52
N GLN A 161 -4.65 1.09 -17.21
CA GLN A 161 -3.81 2.07 -16.58
C GLN A 161 -2.92 1.41 -15.54
N PHE A 162 -1.70 1.90 -15.42
CA PHE A 162 -0.74 1.30 -14.52
C PHE A 162 0.49 2.16 -14.35
N SER A 163 1.26 1.81 -13.34
CA SER A 163 2.61 2.31 -13.10
C SER A 163 3.52 1.07 -13.08
N PRO A 164 4.80 1.25 -13.46
CA PRO A 164 5.74 0.11 -13.58
C PRO A 164 6.29 -0.35 -12.25
N ILE A 165 5.41 -1.00 -11.49
CA ILE A 165 5.79 -1.57 -10.20
C ILE A 165 6.28 -2.98 -10.45
N ILE A 166 7.57 -3.20 -10.32
CA ILE A 166 8.23 -4.40 -10.80
C ILE A 166 9.18 -4.97 -9.73
N PRO A 167 8.91 -6.19 -9.24
CA PRO A 167 9.83 -6.82 -8.30
C PRO A 167 11.27 -6.88 -8.79
N TYR A 168 12.20 -6.70 -7.85
CA TYR A 168 13.65 -6.75 -8.07
C TYR A 168 14.13 -5.62 -8.98
N ASN A 169 13.28 -4.62 -9.15
CA ASN A 169 13.58 -3.44 -9.93
C ASN A 169 13.38 -2.26 -8.97
N TYR A 170 14.44 -1.46 -8.81
CA TYR A 170 14.46 -0.33 -7.88
C TYR A 170 14.48 1.00 -8.62
N LYS A 171 14.25 0.95 -9.93
CA LYS A 171 14.38 2.13 -10.77
C LYS A 171 13.01 2.57 -11.26
N GLU A 172 12.47 1.90 -12.27
CA GLU A 172 11.13 2.20 -12.79
C GLU A 172 10.07 2.15 -11.67
N THR A 173 10.28 1.25 -10.70
CA THR A 173 9.38 1.10 -9.54
C THR A 173 9.22 2.41 -8.71
N SER A 174 10.23 3.28 -8.79
CA SER A 174 10.23 4.56 -8.12
C SER A 174 9.56 5.70 -8.91
N TYR A 175 9.21 5.49 -10.17
CA TYR A 175 8.81 6.60 -11.05
C TYR A 175 7.44 7.22 -10.71
N PRO A 176 7.38 8.56 -10.68
CA PRO A 176 6.10 9.28 -10.55
C PRO A 176 5.42 9.37 -11.92
N VAL A 177 4.85 8.26 -12.35
CA VAL A 177 4.27 8.17 -13.68
C VAL A 177 3.18 7.12 -13.74
N ALA A 178 2.25 7.35 -14.67
CA ALA A 178 1.15 6.43 -14.98
C ALA A 178 0.95 6.44 -16.47
N VAL A 179 0.67 5.25 -17.00
CA VAL A 179 0.30 5.06 -18.41
C VAL A 179 -1.19 4.73 -18.52
N PHE A 180 -1.85 5.31 -19.52
CA PHE A 180 -3.24 5.00 -19.80
C PHE A 180 -3.31 4.52 -21.26
N LYS A 181 -3.40 3.21 -21.43
CA LYS A 181 -3.40 2.60 -22.76
C LYS A 181 -4.85 2.37 -23.17
N TRP A 182 -5.32 3.18 -24.10
CA TRP A 182 -6.68 3.10 -24.59
C TRP A 182 -6.84 2.12 -25.75
N THR A 183 -7.98 1.44 -25.80
CA THR A 183 -8.39 0.62 -26.93
C THR A 183 -9.79 1.07 -27.32
N ALA A 184 -10.02 1.26 -28.62
CA ALA A 184 -11.32 1.66 -29.12
C ALA A 184 -11.70 0.71 -30.26
N TYR A 185 -12.94 0.24 -30.23
CA TYR A 185 -13.45 -0.75 -31.18
C TYR A 185 -14.86 -0.36 -31.64
N ASN A 186 -15.08 -0.43 -32.96
CA ASN A 186 -16.37 -0.11 -33.57
C ASN A 186 -17.08 -1.42 -33.95
N PRO A 187 -18.07 -1.84 -33.15
CA PRO A 187 -18.79 -3.05 -33.52
C PRO A 187 -19.95 -2.79 -34.49
N THR A 188 -20.23 -1.53 -34.83
CA THR A 188 -21.39 -1.17 -35.63
C THR A 188 -21.08 -1.23 -37.12
N ASN A 189 -22.11 -1.02 -37.95
CA ASN A 189 -21.95 -1.03 -39.41
C ASN A 189 -21.76 0.36 -40.02
N LYS A 190 -21.51 1.38 -39.19
CA LYS A 190 -21.24 2.72 -39.69
C LYS A 190 -19.87 3.24 -39.24
N ASN A 191 -19.33 4.17 -40.04
CA ASN A 191 -18.15 4.93 -39.68
C ASN A 191 -18.44 5.84 -38.49
N VAL A 192 -17.53 5.87 -37.53
CA VAL A 192 -17.70 6.71 -36.33
C VAL A 192 -16.44 7.53 -36.08
N ASP A 193 -16.63 8.83 -35.87
CA ASP A 193 -15.55 9.72 -35.52
C ASP A 193 -15.46 9.74 -34.00
N VAL A 194 -14.25 9.56 -33.50
CA VAL A 194 -14.03 9.41 -32.06
C VAL A 194 -12.90 10.31 -31.60
N SER A 195 -13.11 11.00 -30.47
CA SER A 195 -12.01 11.67 -29.77
C SER A 195 -11.95 11.26 -28.30
N ILE A 196 -10.72 11.14 -27.79
CA ILE A 196 -10.43 10.93 -26.35
C ILE A 196 -9.58 12.11 -25.89
N MET A 197 -10.00 12.77 -24.81
CA MET A 197 -9.33 13.95 -24.28
C MET A 197 -8.97 13.72 -22.83
N PHE A 198 -7.70 14.00 -22.49
CA PHE A 198 -7.20 14.00 -21.12
C PHE A 198 -7.09 15.44 -20.69
N THR A 199 -7.75 15.79 -19.58
CA THR A 199 -7.62 17.10 -19.00
C THR A 199 -6.97 16.98 -17.65
N TRP A 200 -6.18 17.99 -17.29
CA TRP A 200 -5.48 17.99 -16.01
C TRP A 200 -5.34 19.41 -15.50
N GLN A 201 -5.67 19.61 -14.23
CA GLN A 201 -5.43 20.88 -13.56
C GLN A 201 -3.94 21.06 -13.25
N ASN A 202 -3.43 22.28 -13.44
CA ASN A 202 -2.10 22.63 -12.96
C ASN A 202 -2.16 22.66 -11.44
N MET A 203 -1.69 21.59 -10.81
CA MET A 203 -1.90 21.38 -9.40
C MET A 203 -0.74 21.87 -8.54
N ILE A 204 0.18 22.61 -9.13
CA ILE A 204 1.22 23.26 -8.33
C ILE A 204 0.54 24.20 -7.35
N GLY A 205 0.86 24.05 -6.07
CA GLY A 205 0.18 24.76 -5.00
C GLY A 205 -0.99 24.05 -4.34
N PHE A 206 -1.38 22.89 -4.86
CA PHE A 206 -2.44 22.04 -4.26
C PHE A 206 -2.09 21.69 -2.80
N PHE A 207 -0.80 21.47 -2.53
CA PHE A 207 -0.30 21.34 -1.17
C PHE A 207 1.03 22.05 -1.06
N GLY A 208 1.40 22.35 0.19
CA GLY A 208 2.75 22.80 0.50
C GLY A 208 2.99 24.30 0.37
N LYS A 209 2.04 25.02 -0.22
CA LYS A 209 2.15 26.47 -0.42
C LYS A 209 1.18 27.16 0.55
N GLN A 210 1.74 28.05 1.38
N GLN A 210 1.70 28.01 1.45
CA GLN A 210 0.98 28.65 2.48
CA GLN A 210 0.82 28.60 2.49
C GLN A 210 0.06 29.79 2.05
C GLN A 210 -0.05 29.75 1.98
N VAL A 211 0.41 30.46 0.96
CA VAL A 211 -0.37 31.60 0.42
C VAL A 211 -0.29 31.63 -1.10
N ASN A 212 -1.20 32.34 -1.73
CA ASN A 212 -1.20 32.55 -3.18
C ASN A 212 -1.11 31.24 -3.97
N VAL A 213 -2.04 30.31 -3.75
CA VAL A 213 -1.80 28.91 -4.16
C VAL A 213 -1.67 28.64 -5.67
N ASN A 214 -2.28 29.47 -6.51
CA ASN A 214 -2.17 29.35 -7.97
C ASN A 214 -1.16 30.32 -8.59
N SER A 215 -0.70 31.28 -7.81
CA SER A 215 0.06 32.39 -8.35
C SER A 215 1.35 31.94 -9.02
N GLY A 216 1.54 32.35 -10.26
CA GLY A 216 2.73 32.01 -11.03
C GLY A 216 2.61 30.71 -11.80
N ASN A 217 1.50 29.98 -11.63
CA ASN A 217 1.28 28.76 -12.40
C ASN A 217 1.16 29.09 -13.88
N PHE A 218 1.80 28.27 -14.71
CA PHE A 218 1.71 28.45 -16.14
C PHE A 218 1.84 27.10 -16.84
N ASN A 219 1.29 27.01 -18.05
CA ASN A 219 1.29 25.78 -18.82
C ASN A 219 1.99 25.98 -20.16
N LYS A 220 2.79 25.00 -20.56
CA LYS A 220 3.41 25.01 -21.89
C LYS A 220 3.21 23.71 -22.61
N ILE A 221 3.32 23.75 -23.93
CA ILE A 221 3.15 22.58 -24.77
C ILE A 221 4.51 22.19 -25.35
N ILE A 222 4.83 20.90 -25.27
CA ILE A 222 6.03 20.33 -25.88
C ILE A 222 5.58 19.42 -27.00
N LYS A 223 6.18 19.61 -28.16
CA LYS A 223 6.00 18.73 -29.31
C LYS A 223 7.32 18.08 -29.60
N ASP A 224 7.42 16.79 -29.35
CA ASP A 224 8.64 16.07 -29.59
C ASP A 224 8.45 15.22 -30.84
N LYS A 225 9.02 15.70 -31.95
CA LYS A 225 8.91 15.06 -33.25
C LYS A 225 10.25 14.50 -33.65
N SER A 226 10.36 13.18 -33.72
CA SER A 226 11.53 12.51 -34.27
C SER A 226 11.05 11.71 -35.48
N LYS A 227 11.88 10.81 -36.00
CA LYS A 227 11.40 9.84 -36.97
C LYS A 227 10.54 8.82 -36.23
N ASP A 228 9.39 8.52 -36.83
CA ASP A 228 8.47 7.48 -36.33
C ASP A 228 8.04 7.72 -34.89
N SER A 229 8.03 8.99 -34.50
CA SER A 229 7.65 9.36 -33.18
C SER A 229 7.11 10.78 -33.20
N GLU A 230 5.96 10.94 -32.59
CA GLU A 230 5.56 12.25 -32.15
C GLU A 230 4.90 12.08 -30.80
N ILE A 231 5.41 12.80 -29.83
CA ILE A 231 4.73 12.98 -28.55
C ILE A 231 4.32 14.42 -28.44
N VAL A 232 3.10 14.64 -27.96
CA VAL A 232 2.62 15.95 -27.62
C VAL A 232 2.24 15.96 -26.15
N ALA A 233 2.75 16.95 -25.43
CA ALA A 233 2.61 16.98 -23.98
C ALA A 233 2.38 18.39 -23.47
N ALA A 234 1.63 18.49 -22.38
CA ALA A 234 1.50 19.72 -21.64
C ALA A 234 2.34 19.59 -20.39
N VAL A 235 3.07 20.65 -20.07
CA VAL A 235 3.85 20.73 -18.84
C VAL A 235 3.26 21.88 -18.02
N MET A 236 2.82 21.55 -16.82
CA MET A 236 2.12 22.46 -15.96
C MET A 236 3.03 22.76 -14.80
N GLY A 237 3.57 23.96 -14.77
CA GLY A 237 4.54 24.31 -13.74
C GLY A 237 4.29 25.67 -13.12
N ASN A 238 5.36 26.25 -12.59
CA ASN A 238 5.31 27.56 -11.97
C ASN A 238 6.53 28.34 -12.44
N ILE A 239 6.37 29.65 -12.60
CA ILE A 239 7.50 30.50 -12.99
C ILE A 239 8.63 30.56 -11.95
N SER A 240 8.34 30.29 -10.68
CA SER A 240 9.36 30.29 -9.64
C SER A 240 10.38 29.15 -9.83
N ASN A 241 11.65 29.43 -9.59
CA ASN A 241 12.68 28.38 -9.60
C ASN A 241 13.02 27.96 -8.16
N ASP A 242 12.20 28.39 -7.20
CA ASP A 242 12.36 27.97 -5.81
C ASP A 242 12.40 26.45 -5.69
N ASN A 243 13.28 25.96 -4.83
CA ASN A 243 13.41 24.54 -4.60
C ASN A 243 12.70 24.25 -3.30
N GLU A 244 11.39 24.03 -3.38
CA GLU A 244 10.53 23.79 -2.22
C GLU A 244 9.61 22.61 -2.49
N GLU A 245 9.06 22.08 -1.41
CA GLU A 245 8.12 20.98 -1.43
C GLU A 245 7.00 21.15 -2.44
N TRP A 246 6.47 22.37 -2.55
CA TRP A 246 5.29 22.62 -3.39
C TRP A 246 5.62 22.77 -4.86
N ASN A 247 6.90 23.01 -5.19
CA ASN A 247 7.24 23.33 -6.59
C ASN A 247 7.70 22.13 -7.40
N GLY A 248 7.43 22.20 -8.70
CA GLY A 248 7.79 21.13 -9.64
C GLY A 248 6.90 21.26 -10.85
N GLU A 249 6.59 20.14 -11.49
CA GLU A 249 5.79 20.12 -12.72
C GLU A 249 4.92 18.88 -12.77
N TYR A 250 3.71 19.03 -13.30
CA TYR A 250 2.91 17.91 -13.78
C TYR A 250 2.96 17.92 -15.30
N SER A 251 2.90 16.73 -15.89
CA SER A 251 2.73 16.63 -17.34
C SER A 251 1.69 15.57 -17.72
N ILE A 252 0.88 15.86 -18.76
CA ILE A 252 0.09 14.86 -19.42
C ILE A 252 0.44 14.91 -20.92
N GLY A 253 0.24 13.80 -21.60
CA GLY A 253 0.54 13.76 -23.02
C GLY A 253 0.12 12.49 -23.66
N VAL A 254 0.41 12.40 -24.96
CA VAL A 254 -0.02 11.30 -25.81
C VAL A 254 1.03 11.05 -26.89
N LYS A 255 1.11 9.81 -27.33
CA LYS A 255 1.99 9.42 -28.41
C LYS A 255 1.17 9.14 -29.65
N LYS A 256 1.58 9.75 -30.75
CA LYS A 256 0.84 9.58 -31.98
C LYS A 256 0.99 8.14 -32.45
N VAL A 257 -0.09 7.60 -33.00
CA VAL A 257 -0.07 6.30 -33.65
C VAL A 257 -0.74 6.48 -35.01
N PRO A 258 -0.44 5.58 -35.95
CA PRO A 258 -1.08 5.66 -37.26
C PRO A 258 -2.62 5.75 -37.17
N GLY A 259 -3.20 6.71 -37.87
CA GLY A 259 -4.65 6.87 -37.92
C GLY A 259 -5.22 7.86 -36.92
N VAL A 260 -4.39 8.47 -36.08
CA VAL A 260 -4.90 9.44 -35.12
C VAL A 260 -4.23 10.78 -35.32
N ASP A 261 -4.99 11.85 -35.14
CA ASP A 261 -4.48 13.19 -35.10
C ASP A 261 -4.51 13.64 -33.65
N ILE A 262 -3.62 14.56 -33.29
CA ILE A 262 -3.55 15.10 -31.94
C ILE A 262 -3.95 16.56 -31.96
N SER A 263 -4.74 16.97 -30.98
CA SER A 263 -4.95 18.38 -30.72
C SER A 263 -4.76 18.68 -29.22
N TYR A 264 -4.61 19.96 -28.90
CA TYR A 264 -4.36 20.36 -27.54
C TYR A 264 -4.88 21.73 -27.23
N LYS A 265 -5.03 22.01 -25.94
CA LYS A 265 -5.29 23.36 -25.47
C LYS A 265 -4.42 23.59 -24.24
N ALA A 266 -3.51 24.57 -24.32
CA ALA A 266 -2.52 24.73 -23.26
C ALA A 266 -3.14 25.25 -21.98
N LYS A 267 -4.12 26.13 -22.10
CA LYS A 267 -4.64 26.82 -20.93
C LYS A 267 -6.15 26.95 -20.94
N PHE A 268 -6.84 26.25 -20.04
CA PHE A 268 -8.24 26.56 -19.76
C PHE A 268 -8.38 26.87 -18.25
N VAL A 269 -9.44 27.59 -17.89
CA VAL A 269 -9.62 28.01 -16.52
C VAL A 269 -10.45 26.96 -15.76
N THR A 270 -9.88 26.41 -14.69
CA THR A 270 -10.52 25.37 -13.92
C THR A 270 -11.49 25.97 -12.90
N THR A 271 -11.25 27.22 -12.53
CA THR A 271 -12.13 27.97 -11.63
C THR A 271 -13.07 28.87 -12.46
N GLY A 272 -13.69 28.29 -13.47
CA GLY A 272 -14.74 28.93 -14.25
C GLY A 272 -15.65 27.83 -14.76
N ASP A 273 -16.47 28.14 -15.76
CA ASP A 273 -17.44 27.15 -16.20
C ASP A 273 -16.88 26.08 -17.16
N GLY A 274 -15.62 26.21 -17.57
CA GLY A 274 -14.98 25.20 -18.44
C GLY A 274 -15.34 25.26 -19.91
N SER A 275 -16.19 26.22 -20.31
CA SER A 275 -16.69 26.28 -21.67
C SER A 275 -15.63 26.75 -22.67
N ASP A 276 -14.61 27.47 -22.19
CA ASP A 276 -13.42 27.77 -23.01
C ASP A 276 -12.84 26.50 -23.66
N LEU A 277 -12.85 25.39 -22.92
CA LEU A 277 -12.43 24.12 -23.48
C LEU A 277 -13.61 23.35 -24.10
N TRP A 278 -14.68 23.20 -23.34
CA TRP A 278 -15.74 22.28 -23.72
C TRP A 278 -16.47 22.65 -25.01
N HIS A 279 -16.63 23.94 -25.30
CA HIS A 279 -17.27 24.35 -26.58
C HIS A 279 -16.51 23.80 -27.80
N GLU A 280 -15.20 23.63 -27.67
CA GLU A 280 -14.37 23.10 -28.77
C GLU A 280 -14.56 21.58 -28.87
N PHE A 281 -14.38 20.90 -27.74
CA PHE A 281 -14.42 19.47 -27.71
C PHE A 281 -15.79 18.92 -28.08
N SER A 282 -16.84 19.54 -27.55
CA SER A 282 -18.19 19.05 -27.77
C SER A 282 -18.69 19.28 -29.19
N LYS A 283 -18.05 20.17 -29.93
CA LYS A 283 -18.48 20.43 -31.31
C LYS A 283 -18.03 19.32 -32.25
N ASN A 284 -16.73 19.04 -32.28
CA ASN A 284 -16.18 18.04 -33.18
C ASN A 284 -15.03 17.21 -32.61
N GLY A 285 -14.82 17.29 -31.30
CA GLY A 285 -13.72 16.55 -30.66
C GLY A 285 -12.33 17.03 -30.99
N ILE A 286 -12.22 18.26 -31.50
CA ILE A 286 -10.92 18.80 -31.92
C ILE A 286 -10.69 20.12 -31.18
N LEU A 287 -9.53 20.23 -30.54
CA LEU A 287 -9.22 21.40 -29.74
C LEU A 287 -8.50 22.47 -30.60
N ASP A 288 -8.36 23.67 -30.04
CA ASP A 288 -7.89 24.84 -30.80
C ASP A 288 -6.38 24.88 -31.07
N ASN A 289 -5.60 24.00 -30.44
CA ASN A 289 -4.14 24.03 -30.53
C ASN A 289 -3.56 25.39 -30.13
N LYS A 290 -4.19 26.05 -29.18
CA LYS A 290 -3.76 27.35 -28.71
C LYS A 290 -2.74 27.18 -27.59
N ASP A 291 -1.50 27.58 -27.89
CA ASP A 291 -0.47 27.73 -26.86
C ASP A 291 -0.66 29.05 -26.15
N ASP A 292 -0.34 29.10 -24.86
CA ASP A 292 -0.45 30.32 -24.07
C ASP A 292 0.25 30.13 -22.73
N GLU A 293 1.43 30.73 -22.58
CA GLU A 293 2.26 30.53 -21.41
C GLU A 293 2.04 31.60 -20.33
N THR A 294 0.99 32.42 -20.47
CA THR A 294 0.71 33.48 -19.53
C THR A 294 0.46 32.88 -18.13
N PRO A 295 1.23 33.31 -17.12
CA PRO A 295 0.98 32.77 -15.80
C PRO A 295 -0.31 33.28 -15.19
N THR A 296 -0.90 32.50 -14.30
CA THR A 296 -2.10 32.93 -13.62
C THR A 296 -1.78 33.63 -12.30
N LYS A 297 -2.77 34.29 -11.73
CA LYS A 297 -2.62 34.91 -10.42
C LYS A 297 -3.50 34.23 -9.39
N GLN A 298 -4.81 34.41 -9.52
CA GLN A 298 -5.78 33.79 -8.61
C GLN A 298 -6.47 32.55 -9.20
N ASP A 299 -6.75 32.59 -10.50
CA ASP A 299 -7.52 31.54 -11.15
C ASP A 299 -6.74 30.25 -11.25
N GLY A 300 -7.44 29.13 -11.11
CA GLY A 300 -6.87 27.83 -11.39
C GLY A 300 -6.87 27.62 -12.90
N ILE A 301 -5.82 26.97 -13.38
CA ILE A 301 -5.70 26.66 -14.78
C ILE A 301 -5.37 25.18 -15.00
N GLY A 302 -5.63 24.71 -16.20
CA GLY A 302 -5.33 23.34 -16.62
C GLY A 302 -5.00 23.24 -18.10
N SER A 303 -4.61 22.04 -18.53
CA SER A 303 -4.31 21.75 -19.91
C SER A 303 -5.13 20.56 -20.41
N ALA A 304 -5.21 20.46 -21.73
CA ALA A 304 -5.93 19.39 -22.38
C ALA A 304 -5.16 18.86 -23.58
N ILE A 305 -5.11 17.54 -23.69
CA ILE A 305 -4.49 16.79 -24.79
C ILE A 305 -5.54 15.81 -25.32
N ALA A 306 -5.82 15.86 -26.63
CA ALA A 306 -6.85 15.04 -27.24
C ALA A 306 -6.34 14.33 -28.48
N VAL A 307 -6.94 13.18 -28.77
CA VAL A 307 -6.72 12.51 -30.04
C VAL A 307 -8.05 12.38 -30.74
N ASN A 308 -8.02 12.43 -32.06
CA ASN A 308 -9.22 12.23 -32.83
C ASN A 308 -8.92 11.26 -33.97
N PHE A 309 -9.87 10.37 -34.24
CA PHE A 309 -9.69 9.36 -35.29
C PHE A 309 -11.06 8.89 -35.80
N LYS A 310 -11.01 8.22 -36.94
CA LYS A 310 -12.20 7.62 -37.54
C LYS A 310 -12.05 6.11 -37.49
N LEU A 311 -13.06 5.44 -36.95
CA LEU A 311 -13.08 3.98 -36.91
C LEU A 311 -14.11 3.47 -37.89
N GLN A 312 -13.66 2.66 -38.83
CA GLN A 312 -14.54 1.96 -39.74
C GLN A 312 -15.16 0.75 -39.02
N PRO A 313 -16.26 0.20 -39.57
CA PRO A 313 -16.87 -0.99 -38.98
C PRO A 313 -15.85 -2.11 -38.74
N GLY A 314 -15.86 -2.68 -37.54
CA GLY A 314 -14.91 -3.73 -37.20
C GLY A 314 -13.48 -3.34 -36.89
N GLN A 315 -13.16 -2.05 -36.91
CA GLN A 315 -11.78 -1.61 -36.73
C GLN A 315 -11.46 -1.34 -35.25
N THR A 316 -10.23 -1.68 -34.84
CA THR A 316 -9.72 -1.40 -33.49
C THR A 316 -8.53 -0.46 -33.58
N ILE A 317 -8.40 0.46 -32.62
CA ILE A 317 -7.19 1.27 -32.49
C ILE A 317 -6.75 1.37 -31.04
N GLU A 318 -5.44 1.38 -30.82
CA GLU A 318 -4.84 1.53 -29.48
C GLU A 318 -4.05 2.84 -29.43
N VAL A 319 -4.21 3.61 -28.36
CA VAL A 319 -3.46 4.88 -28.23
C VAL A 319 -3.07 5.07 -26.78
N PRO A 320 -1.78 5.35 -26.52
CA PRO A 320 -1.30 5.57 -25.16
C PRO A 320 -1.22 7.05 -24.75
N PHE A 321 -1.80 7.34 -23.60
CA PHE A 321 -1.58 8.59 -22.90
C PHE A 321 -0.73 8.32 -21.67
N ALA A 322 -0.20 9.38 -21.07
CA ALA A 322 0.54 9.26 -19.81
C ALA A 322 0.41 10.51 -18.97
N LEU A 323 0.79 10.34 -17.71
CA LEU A 323 0.76 11.38 -16.71
C LEU A 323 2.02 11.22 -15.90
N SER A 324 2.72 12.33 -15.64
CA SER A 324 3.88 12.35 -14.75
C SER A 324 3.82 13.53 -13.78
N TRP A 325 4.53 13.40 -12.67
CA TRP A 325 4.63 14.50 -11.71
C TRP A 325 6.03 14.57 -11.16
N ASP A 326 6.71 15.67 -11.40
CA ASP A 326 8.03 15.91 -10.88
C ASP A 326 7.89 16.89 -9.73
N LEU A 327 7.76 16.37 -8.53
CA LEU A 327 7.76 17.14 -7.29
C LEU A 327 8.89 16.53 -6.47
N PRO A 328 10.12 17.00 -6.70
CA PRO A 328 11.31 16.30 -6.21
C PRO A 328 11.55 16.30 -4.72
N ILE A 329 10.93 17.24 -4.00
CA ILE A 329 11.23 17.44 -2.59
C ILE A 329 10.05 17.03 -1.75
N MET A 330 10.29 16.15 -0.78
CA MET A 330 9.28 15.91 0.28
C MET A 330 9.70 16.61 1.57
N LYS A 331 8.73 17.22 2.26
CA LYS A 331 9.00 17.88 3.54
C LYS A 331 8.16 17.25 4.61
N PHE A 332 8.77 16.99 5.75
CA PHE A 332 8.07 16.46 6.91
C PHE A 332 7.80 17.55 7.94
N GLY A 333 6.83 17.32 8.81
CA GLY A 333 6.35 18.34 9.73
C GLY A 333 7.41 18.89 10.68
N GLY A 334 8.43 18.09 10.97
CA GLY A 334 9.54 18.53 11.81
C GLY A 334 10.50 19.48 11.13
N GLY A 335 10.37 19.62 9.81
CA GLY A 335 11.16 20.59 9.06
C GLY A 335 12.06 20.03 7.97
N ASP A 336 12.42 18.75 8.09
CA ASP A 336 13.40 18.15 7.17
C ASP A 336 12.85 18.05 5.76
N LYS A 337 13.70 18.37 4.78
CA LYS A 337 13.37 18.22 3.38
C LYS A 337 14.33 17.22 2.75
N TRP A 338 13.76 16.27 2.02
CA TRP A 338 14.51 15.23 1.34
C TRP A 338 14.11 15.16 -0.11
N TYR A 339 15.05 14.74 -0.95
CA TYR A 339 14.74 14.38 -2.33
C TYR A 339 14.14 13.00 -2.42
N LYS A 340 13.18 12.84 -3.35
CA LYS A 340 12.57 11.54 -3.57
C LYS A 340 13.46 10.66 -4.46
N MET A 341 13.31 9.36 -4.28
CA MET A 341 14.18 8.36 -4.93
C MET A 341 14.31 8.57 -6.44
N TYR A 342 13.18 8.82 -7.14
CA TYR A 342 13.21 8.91 -8.60
C TYR A 342 14.18 9.98 -9.11
N THR A 343 14.46 10.97 -8.27
CA THR A 343 15.38 12.04 -8.66
C THR A 343 16.76 11.52 -9.04
N LYS A 344 17.11 10.33 -8.57
CA LYS A 344 18.37 9.69 -8.95
C LYS A 344 18.43 9.50 -10.46
N TYR A 345 17.27 9.24 -11.05
CA TYR A 345 17.18 8.85 -12.43
C TYR A 345 16.85 10.02 -13.32
N PHE A 346 16.16 11.04 -12.80
CA PHE A 346 15.72 12.17 -13.65
C PHE A 346 16.26 13.55 -13.27
N GLY A 347 16.97 13.65 -12.14
CA GLY A 347 17.43 14.94 -11.67
C GLY A 347 16.57 15.51 -10.56
N LYS A 348 17.11 16.53 -9.91
CA LYS A 348 16.52 17.12 -8.68
C LYS A 348 15.89 18.50 -8.83
N ASN A 349 15.99 19.10 -10.02
CA ASN A 349 15.58 20.52 -10.15
C ASN A 349 14.09 20.78 -10.36
N GLY A 350 13.29 19.72 -10.48
CA GLY A 350 11.84 19.92 -10.59
C GLY A 350 11.39 20.38 -11.97
N LYS A 351 12.21 20.15 -12.98
CA LYS A 351 11.86 20.59 -14.32
C LYS A 351 11.99 19.44 -15.31
N ASN A 352 11.57 18.24 -14.89
CA ASN A 352 11.82 17.02 -15.63
C ASN A 352 10.58 16.18 -15.90
N SER A 353 9.39 16.74 -15.76
CA SER A 353 8.17 15.99 -15.95
C SER A 353 8.04 15.47 -17.37
N PHE A 354 8.49 16.26 -18.34
CA PHE A 354 8.46 15.79 -19.71
C PHE A 354 9.36 14.58 -19.93
N ALA A 355 10.57 14.60 -19.38
CA ALA A 355 11.48 13.46 -19.56
C ALA A 355 10.86 12.17 -19.01
N ILE A 356 10.17 12.28 -17.88
CA ILE A 356 9.54 11.13 -17.21
C ILE A 356 8.39 10.61 -18.09
N LEU A 357 7.54 11.52 -18.54
CA LEU A 357 6.46 11.22 -19.44
C LEU A 357 6.93 10.54 -20.73
N LYS A 358 7.98 11.08 -21.33
CA LYS A 358 8.51 10.54 -22.59
C LYS A 358 9.04 9.10 -22.39
N GLU A 359 9.76 8.87 -21.29
CA GLU A 359 10.26 7.54 -20.97
CA GLU A 359 10.25 7.52 -21.02
C GLU A 359 9.08 6.55 -20.92
N ALA A 360 7.98 6.98 -20.30
CA ALA A 360 6.82 6.10 -20.18
C ALA A 360 6.16 5.86 -21.53
N LEU A 361 5.94 6.91 -22.30
CA LEU A 361 5.27 6.75 -23.57
C LEU A 361 6.09 5.89 -24.55
N ASN A 362 7.41 5.97 -24.49
CA ASN A 362 8.27 5.17 -25.35
C ASN A 362 8.55 3.77 -24.84
N ASN A 363 8.25 3.47 -23.57
CA ASN A 363 8.62 2.17 -23.01
C ASN A 363 7.47 1.40 -22.35
N TYR A 364 6.23 1.86 -22.49
CA TYR A 364 5.14 1.24 -21.70
C TYR A 364 4.88 -0.24 -22.09
N GLN A 365 5.11 -0.59 -23.35
CA GLN A 365 4.86 -1.96 -23.82
C GLN A 365 5.82 -2.94 -23.15
N LYS A 366 7.07 -2.53 -23.00
CA LYS A 366 8.04 -3.31 -22.25
C LYS A 366 7.62 -3.42 -20.76
N TRP A 367 7.17 -2.32 -20.18
CA TRP A 367 6.71 -2.37 -18.77
C TRP A 367 5.53 -3.33 -18.57
N GLU A 368 4.59 -3.34 -19.51
CA GLU A 368 3.43 -4.24 -19.40
C GLU A 368 3.88 -5.70 -19.37
N LYS A 369 4.86 -6.01 -20.20
CA LYS A 369 5.39 -7.38 -20.30
C LYS A 369 6.14 -7.75 -19.02
N MET A 370 6.88 -6.81 -18.45
CA MET A 370 7.58 -7.07 -17.17
C MET A 370 6.59 -7.35 -16.02
N ILE A 371 5.46 -6.64 -16.02
CA ILE A 371 4.41 -6.86 -15.02
C ILE A 371 3.78 -8.25 -15.26
N ASP A 372 3.49 -8.58 -16.52
CA ASP A 372 2.93 -9.90 -16.87
C ASP A 372 3.89 -11.01 -16.42
N ASP A 373 5.18 -10.81 -16.66
CA ASP A 373 6.20 -11.78 -16.30
C ASP A 373 6.24 -12.06 -14.80
N TRP A 374 6.01 -11.06 -13.94
CA TRP A 374 6.02 -11.35 -12.53
CA TRP A 374 6.01 -11.27 -12.50
C TRP A 374 4.68 -11.84 -11.98
N GLN A 375 3.56 -11.45 -12.60
CA GLN A 375 2.25 -11.95 -12.18
C GLN A 375 1.96 -13.39 -12.69
N LYS A 376 2.56 -13.75 -13.82
CA LYS A 376 2.26 -14.99 -14.52
C LYS A 376 2.43 -16.25 -13.68
N PRO A 377 3.51 -16.35 -12.91
CA PRO A 377 3.68 -17.57 -12.11
C PRO A 377 2.49 -17.90 -11.21
N ILE A 378 1.93 -16.87 -10.59
CA ILE A 378 0.76 -17.07 -9.76
C ILE A 378 -0.50 -17.21 -10.59
N LEU A 379 -0.70 -16.35 -11.58
CA LEU A 379 -1.93 -16.41 -12.37
C LEU A 379 -2.07 -17.73 -13.11
N SER A 380 -0.96 -18.32 -13.54
CA SER A 380 -1.02 -19.58 -14.29
C SER A 380 -1.11 -20.84 -13.41
N ASN A 381 -1.08 -20.70 -12.09
CA ASN A 381 -1.21 -21.82 -11.19
C ASN A 381 -2.70 -22.08 -10.95
N LYS A 382 -3.23 -23.07 -11.66
CA LYS A 382 -4.65 -23.37 -11.60
C LYS A 382 -5.07 -24.17 -10.36
N SER A 383 -4.14 -24.53 -9.49
CA SER A 383 -4.50 -25.10 -8.20
C SER A 383 -4.97 -24.05 -7.18
N LYS A 384 -4.70 -22.77 -7.45
CA LYS A 384 -5.06 -21.68 -6.55
C LYS A 384 -6.34 -20.98 -7.04
N PRO A 385 -7.29 -20.75 -6.13
CA PRO A 385 -8.52 -20.10 -6.55
C PRO A 385 -8.31 -18.66 -6.95
N ASP A 386 -9.11 -18.18 -7.87
CA ASP A 386 -9.00 -16.79 -8.31
C ASP A 386 -9.17 -15.75 -7.19
N TRP A 387 -10.05 -16.01 -6.22
CA TRP A 387 -10.28 -15.04 -5.15
C TRP A 387 -8.99 -14.80 -4.37
N TYR A 388 -8.19 -15.84 -4.20
CA TYR A 388 -6.91 -15.72 -3.50
C TYR A 388 -5.96 -14.83 -4.29
N LYS A 389 -5.94 -14.99 -5.61
CA LYS A 389 -5.10 -14.13 -6.47
C LYS A 389 -5.54 -12.67 -6.44
N THR A 390 -6.86 -12.44 -6.40
CA THR A 390 -7.42 -11.10 -6.27
C THR A 390 -6.82 -10.39 -5.06
N ALA A 391 -6.85 -11.07 -3.92
CA ALA A 391 -6.33 -10.52 -2.67
C ALA A 391 -4.81 -10.41 -2.70
N LEU A 392 -4.11 -11.45 -3.09
CA LEU A 392 -2.65 -11.42 -3.11
C LEU A 392 -2.08 -10.20 -3.88
N PHE A 393 -2.60 -9.95 -5.08
CA PHE A 393 -2.07 -8.84 -5.87
C PHE A 393 -2.62 -7.50 -5.41
N ASN A 394 -3.92 -7.43 -5.09
CA ASN A 394 -4.48 -6.13 -4.76
C ASN A 394 -4.05 -5.59 -3.39
N GLU A 395 -3.72 -6.47 -2.43
CA GLU A 395 -3.19 -6.02 -1.14
C GLU A 395 -1.88 -5.24 -1.29
N LEU A 396 -1.13 -5.51 -2.38
CA LEU A 396 0.11 -4.82 -2.66
C LEU A 396 -0.05 -3.33 -2.95
N TYR A 397 -1.28 -2.85 -3.19
CA TYR A 397 -1.55 -1.44 -3.39
C TYR A 397 -0.87 -0.64 -2.23
N TYR A 398 -0.77 -1.26 -1.05
CA TYR A 398 -0.29 -0.53 0.11
C TYR A 398 1.22 -0.15 0.07
N LEU A 399 2.02 -0.94 -0.64
CA LEU A 399 3.46 -0.65 -0.74
C LEU A 399 3.68 0.72 -1.36
N ALA A 400 2.88 1.06 -2.37
CA ALA A 400 2.91 2.40 -2.97
C ALA A 400 2.06 3.38 -2.19
N ASP A 401 0.89 2.96 -1.71
CA ASP A 401 -0.08 3.87 -1.11
C ASP A 401 0.15 4.18 0.37
N GLY A 402 1.11 3.54 1.03
CA GLY A 402 1.30 3.71 2.48
C GLY A 402 2.22 4.84 2.90
N GLY A 403 2.08 6.02 2.27
CA GLY A 403 2.90 7.20 2.66
C GLY A 403 4.38 6.96 2.44
N THR A 404 4.68 6.14 1.44
CA THR A 404 5.97 5.57 1.29
C THR A 404 7.01 6.66 1.02
N ALA A 405 8.07 6.61 1.81
CA ALA A 405 9.15 7.56 1.74
C ALA A 405 10.46 6.85 1.36
N TRP A 406 11.15 7.38 0.35
CA TRP A 406 12.36 6.73 -0.15
C TRP A 406 13.30 7.84 -0.59
N GLU A 407 14.32 8.12 0.21
CA GLU A 407 15.10 9.35 0.05
C GLU A 407 16.36 9.19 -0.79
N ASN A 408 16.66 10.24 -1.57
CA ASN A 408 17.87 10.39 -2.36
C ASN A 408 18.65 11.66 -1.94
N GLY A 409 18.79 11.83 -0.63
CA GLY A 409 19.56 12.92 -0.05
C GLY A 409 18.71 13.95 0.68
N LYS A 410 19.28 14.53 1.73
CA LYS A 410 18.67 15.62 2.45
C LYS A 410 18.95 16.90 1.65
N VAL A 411 17.97 17.78 1.56
CA VAL A 411 18.12 18.99 0.75
C VAL A 411 19.24 19.84 1.38
N GLY A 412 20.16 20.32 0.56
CA GLY A 412 21.30 21.11 1.03
C GLY A 412 22.39 20.31 1.74
N GLU A 413 22.87 19.24 1.11
CA GLU A 413 23.98 18.46 1.68
C GLU A 413 24.89 17.86 0.61
N LYS A 416 26.85 13.01 -0.17
CA LYS A 416 26.04 11.93 -0.69
C LYS A 416 26.44 10.60 -0.04
N ARG A 417 25.45 9.78 0.29
CA ARG A 417 25.68 8.50 0.95
C ARG A 417 25.51 7.33 -0.01
N THR A 418 25.74 6.13 0.48
CA THR A 418 25.65 4.94 -0.36
C THR A 418 24.22 4.40 -0.50
N ASN A 419 23.44 4.50 0.58
CA ASN A 419 22.09 3.96 0.64
C ASN A 419 20.96 5.02 0.62
N ASN A 420 19.78 4.55 0.30
CA ASN A 420 18.59 5.38 0.22
C ASN A 420 17.65 4.89 1.30
N MET A 421 17.45 5.68 2.32
CA MET A 421 16.65 5.23 3.44
C MET A 421 15.19 5.12 2.98
N PHE A 422 14.43 4.22 3.61
CA PHE A 422 13.10 3.88 3.17
C PHE A 422 12.17 3.75 4.38
N GLY A 423 10.91 4.11 4.16
CA GLY A 423 9.91 3.84 5.17
C GLY A 423 8.50 3.75 4.62
N LEU A 424 7.77 2.77 5.13
CA LEU A 424 6.37 2.57 4.87
C LEU A 424 5.60 2.84 6.14
N LEU A 425 4.53 3.62 6.05
CA LEU A 425 3.70 3.88 7.22
C LEU A 425 2.95 2.64 7.71
N GLU A 426 2.79 2.59 9.02
CA GLU A 426 1.88 1.63 9.64
C GLU A 426 0.48 1.85 9.09
N CYS A 427 0.05 3.11 9.08
CA CYS A 427 -1.20 3.57 8.45
C CYS A 427 -1.18 5.10 8.56
N PHE A 428 -2.24 5.76 8.13
CA PHE A 428 -2.37 7.20 8.21
C PHE A 428 -2.92 7.70 9.54
N ASP A 429 -3.83 6.96 10.16
CA ASP A 429 -4.36 7.31 11.49
C ASP A 429 -3.29 7.21 12.58
N TYR A 430 -2.45 6.19 12.48
CA TYR A 430 -1.32 5.99 13.39
C TYR A 430 -0.07 6.19 12.55
N ASN A 431 0.29 7.47 12.43
CA ASN A 431 1.24 7.90 11.41
C ASN A 431 2.70 7.65 11.85
N TYR A 432 3.12 6.39 11.79
CA TYR A 432 4.43 5.93 12.25
C TYR A 432 5.12 5.10 11.14
N TYR A 433 6.39 5.40 10.87
CA TYR A 433 7.13 4.71 9.84
C TYR A 433 7.72 3.39 10.35
N GLU A 434 7.45 2.32 9.58
CA GLU A 434 8.04 1.02 9.78
C GLU A 434 7.78 0.39 11.14
N THR A 435 6.63 0.69 11.75
CA THR A 435 6.34 0.12 13.05
C THR A 435 6.74 -1.35 13.04
N LEU A 436 7.70 -1.69 13.89
CA LEU A 436 8.36 -2.98 13.81
C LEU A 436 7.48 -4.16 14.22
N ASP A 437 6.64 -3.99 15.23
CA ASP A 437 5.76 -5.07 15.66
C ASP A 437 4.71 -5.40 14.62
N VAL A 438 4.43 -4.42 13.76
CA VAL A 438 3.52 -4.58 12.62
C VAL A 438 4.22 -5.10 11.35
N ARG A 439 5.42 -4.57 11.05
CA ARG A 439 6.21 -5.01 9.88
C ARG A 439 6.62 -6.47 10.00
N PHE A 440 6.66 -6.99 11.22
CA PHE A 440 6.86 -8.44 11.45
C PHE A 440 5.89 -9.24 10.56
N TYR A 441 4.67 -8.73 10.46
CA TYR A 441 3.65 -9.28 9.57
C TYR A 441 3.67 -8.65 8.16
N GLY A 442 3.70 -7.32 8.11
CA GLY A 442 3.50 -6.58 6.87
C GLY A 442 4.66 -6.44 5.88
N SER A 443 5.86 -6.89 6.24
CA SER A 443 7.04 -6.72 5.39
C SER A 443 7.31 -7.89 4.41
N PHE A 444 6.46 -8.91 4.39
CA PHE A 444 6.65 -10.06 3.48
C PHE A 444 6.82 -9.72 2.01
N PRO A 445 5.98 -8.82 1.46
CA PRO A 445 6.19 -8.46 0.07
C PRO A 445 7.56 -7.83 -0.15
N LEU A 446 8.08 -7.06 0.81
CA LEU A 446 9.39 -6.44 0.60
C LEU A 446 10.51 -7.46 0.61
N VAL A 447 10.55 -8.36 1.59
CA VAL A 447 11.58 -9.42 1.57
C VAL A 447 11.48 -10.32 0.32
N MET A 448 10.26 -10.66 -0.08
N MET A 448 10.27 -10.62 -0.13
CA MET A 448 10.03 -11.56 -1.24
CA MET A 448 10.08 -11.56 -1.24
C MET A 448 10.36 -10.89 -2.57
C MET A 448 10.21 -10.94 -2.62
N LEU A 449 9.92 -9.64 -2.73
CA LEU A 449 9.89 -8.96 -4.03
C LEU A 449 10.83 -7.76 -4.20
N TRP A 450 11.19 -7.06 -3.11
CA TRP A 450 12.15 -5.96 -3.14
C TRP A 450 13.16 -6.10 -2.00
N PRO A 451 13.91 -7.21 -1.98
CA PRO A 451 14.75 -7.51 -0.82
C PRO A 451 15.82 -6.46 -0.47
N ASP A 452 16.34 -5.71 -1.45
CA ASP A 452 17.32 -4.66 -1.13
C ASP A 452 16.71 -3.52 -0.25
N ILE A 453 15.43 -3.22 -0.47
CA ILE A 453 14.69 -2.30 0.42
C ILE A 453 14.53 -2.93 1.80
N GLU A 454 14.11 -4.18 1.86
CA GLU A 454 13.90 -4.82 3.15
C GLU A 454 15.17 -4.81 4.02
N LYS A 455 16.29 -5.16 3.43
CA LYS A 455 17.55 -5.18 4.16
C LYS A 455 17.99 -3.78 4.61
N GLN A 456 17.76 -2.78 3.76
CA GLN A 456 18.01 -1.40 4.14
C GLN A 456 17.18 -0.99 5.37
N VAL A 457 15.89 -1.32 5.38
CA VAL A 457 15.04 -1.02 6.54
C VAL A 457 15.59 -1.70 7.79
N MET A 458 15.99 -2.95 7.68
CA MET A 458 16.50 -3.64 8.84
C MET A 458 17.82 -3.09 9.34
N ARG A 459 18.69 -2.65 8.43
CA ARG A 459 19.93 -1.98 8.85
C ARG A 459 19.61 -0.65 9.55
N GLN A 460 18.58 0.05 9.10
CA GLN A 460 18.10 1.25 9.82
C GLN A 460 17.77 0.91 11.27
N PHE A 461 17.03 -0.18 11.49
CA PHE A 461 16.74 -0.59 12.85
C PHE A 461 17.99 -0.98 13.63
N ALA A 462 18.90 -1.74 12.98
CA ALA A 462 20.17 -2.12 13.63
C ALA A 462 20.92 -0.91 14.17
N ASP A 463 20.97 0.15 13.37
CA ASP A 463 21.64 1.39 13.76
C ASP A 463 21.00 2.09 14.96
N THR A 464 19.75 1.78 15.30
CA THR A 464 19.10 2.46 16.41
C THR A 464 19.25 1.75 17.75
N ILE A 465 19.75 0.51 17.73
CA ILE A 465 19.74 -0.35 18.91
C ILE A 465 20.31 0.38 20.14
N ASN A 466 21.49 0.98 19.99
CA ASN A 466 22.18 1.60 21.13
C ASN A 466 21.99 3.10 21.28
N VAL A 467 21.08 3.65 20.49
CA VAL A 467 20.66 5.04 20.67
C VAL A 467 20.00 5.15 22.03
N GLN A 468 20.32 6.24 22.73
CA GLN A 468 19.70 6.56 24.01
C GLN A 468 19.19 7.99 23.91
N ASP A 469 17.95 8.21 24.31
CA ASP A 469 17.39 9.55 24.38
C ASP A 469 16.69 9.59 25.72
N SER A 470 17.29 10.35 26.64
CA SER A 470 16.82 10.39 28.02
C SER A 470 15.73 11.43 28.26
N SER A 471 15.36 12.19 27.24
CA SER A 471 14.19 13.07 27.36
C SER A 471 12.97 12.22 27.61
N GLU A 472 11.94 12.80 28.20
CA GLU A 472 10.79 12.03 28.62
C GLU A 472 9.56 12.45 27.86
N PHE A 473 8.62 11.52 27.71
CA PHE A 473 7.34 11.79 27.08
C PHE A 473 6.26 11.24 28.00
N LYS A 474 5.06 11.79 27.83
CA LYS A 474 3.91 11.31 28.55
C LYS A 474 3.29 10.12 27.82
N VAL A 475 3.21 9.00 28.54
CA VAL A 475 2.59 7.77 28.03
C VAL A 475 1.07 8.00 28.02
N GLY A 476 0.47 7.84 26.84
CA GLY A 476 -0.95 8.11 26.62
C GLY A 476 -1.90 7.24 27.43
N SER A 477 -1.57 5.97 27.60
CA SER A 477 -2.50 5.04 28.25
C SER A 477 -2.66 5.32 29.76
N ASN A 478 -1.65 5.87 30.40
CA ASN A 478 -1.71 6.05 31.85
C ASN A 478 -1.23 7.40 32.40
N GLY A 479 -0.74 8.28 31.53
CA GLY A 479 -0.24 9.58 31.94
C GLY A 479 1.13 9.63 32.59
N ALA A 480 1.81 8.49 32.69
CA ALA A 480 3.14 8.47 33.30
C ALA A 480 4.18 9.00 32.33
N MET A 481 5.28 9.50 32.87
CA MET A 481 6.38 9.98 32.08
C MET A 481 7.35 8.82 31.89
N ALA A 482 7.98 8.77 30.72
CA ALA A 482 8.97 7.71 30.42
C ALA A 482 10.03 8.23 29.50
N VAL A 483 11.18 7.60 29.58
CA VAL A 483 12.31 7.85 28.72
C VAL A 483 11.94 7.47 27.28
N LYS A 484 12.30 8.34 26.34
CA LYS A 484 11.99 8.20 24.93
C LYS A 484 12.63 6.96 24.30
N LYS A 485 13.91 6.74 24.53
CA LYS A 485 14.62 5.63 23.90
C LYS A 485 15.70 5.09 24.81
N VAL A 486 15.56 3.82 25.16
CA VAL A 486 16.50 3.16 26.07
C VAL A 486 17.54 2.37 25.27
N GLN A 487 18.82 2.49 25.63
CA GLN A 487 19.89 1.74 24.98
C GLN A 487 19.62 0.22 25.03
N GLY A 488 19.74 -0.44 23.88
CA GLY A 488 19.55 -1.89 23.79
C GLY A 488 18.13 -2.34 23.51
N MET A 489 17.17 -1.42 23.51
CA MET A 489 15.78 -1.74 23.19
C MET A 489 15.51 -1.27 21.76
N ILE A 490 14.92 -2.14 20.96
CA ILE A 490 14.59 -1.83 19.57
C ILE A 490 13.45 -0.81 19.59
N PRO A 491 13.51 0.20 18.71
CA PRO A 491 12.40 1.17 18.70
C PRO A 491 11.11 0.61 18.11
N HIS A 492 10.00 1.15 18.55
CA HIS A 492 8.70 0.88 17.97
C HIS A 492 8.59 1.30 16.50
N ASP A 493 9.17 2.44 16.17
CA ASP A 493 9.01 3.03 14.86
C ASP A 493 10.17 3.99 14.59
N LEU A 494 10.27 4.38 13.33
CA LEU A 494 11.34 5.27 12.89
C LEU A 494 10.82 6.69 12.63
N GLY A 495 9.79 7.08 13.36
CA GLY A 495 9.29 8.44 13.36
C GLY A 495 7.94 8.60 12.69
N SER A 496 7.52 9.85 12.53
CA SER A 496 6.25 10.20 11.96
C SER A 496 6.42 11.25 10.86
N SER A 497 5.59 11.19 9.83
CA SER A 497 5.64 12.19 8.77
C SER A 497 5.31 13.61 9.30
N TYR A 498 4.66 13.68 10.45
CA TYR A 498 4.41 14.98 11.10
C TYR A 498 5.62 15.52 11.84
N ALA A 499 6.65 14.69 11.97
CA ALA A 499 7.84 15.07 12.70
C ALA A 499 9.09 14.78 11.87
N LEU A 500 9.97 13.89 12.30
CA LEU A 500 11.23 13.70 11.59
C LEU A 500 11.56 12.20 11.33
N PRO A 501 10.98 11.65 10.26
CA PRO A 501 11.27 10.29 9.85
C PRO A 501 12.76 10.02 9.75
N TRP A 502 13.16 8.86 10.28
CA TRP A 502 14.55 8.37 10.30
C TRP A 502 15.45 9.06 11.30
N ILE A 503 15.06 10.23 11.78
CA ILE A 503 15.92 11.07 12.63
C ILE A 503 15.40 11.00 14.06
N LYS A 504 14.11 11.24 14.25
CA LYS A 504 13.50 11.12 15.58
C LYS A 504 12.61 9.87 15.65
N ILE A 505 13.13 8.84 16.29
CA ILE A 505 12.45 7.55 16.35
C ILE A 505 11.48 7.52 17.55
N ASN A 506 10.71 6.43 17.67
CA ASN A 506 9.67 6.29 18.70
C ASN A 506 8.70 7.46 18.78
N ALA A 507 8.08 7.81 17.64
CA ALA A 507 7.02 8.83 17.68
C ALA A 507 5.79 8.32 18.41
N TYR A 508 5.56 7.01 18.40
CA TYR A 508 4.48 6.40 19.14
C TYR A 508 4.58 6.62 20.66
N ASP A 509 3.46 6.97 21.29
CA ASP A 509 3.45 7.28 22.73
C ASP A 509 2.27 6.73 23.53
N TRP A 510 1.41 5.89 22.93
CA TRP A 510 0.27 5.33 23.64
C TRP A 510 0.71 4.39 24.77
N GLN A 511 1.76 3.62 24.51
CA GLN A 511 2.42 2.81 25.52
C GLN A 511 3.91 3.14 25.43
N ASN A 512 4.68 2.67 26.39
CA ASN A 512 6.13 2.81 26.34
C ASN A 512 6.76 1.61 25.63
N PRO A 513 7.24 1.80 24.38
CA PRO A 513 7.75 0.62 23.64
C PRO A 513 9.08 0.09 24.19
N ASN A 514 9.76 0.87 25.02
CA ASN A 514 11.02 0.46 25.62
C ASN A 514 10.88 -0.67 26.62
N ILE A 515 9.64 -1.00 27.02
CA ILE A 515 9.38 -2.18 27.85
C ILE A 515 8.55 -3.23 27.13
N TRP A 516 8.37 -3.10 25.82
CA TRP A 516 7.64 -4.15 25.09
C TRP A 516 8.44 -5.44 25.06
N LYS A 517 7.73 -6.55 25.11
CA LYS A 517 8.34 -7.85 25.22
C LYS A 517 8.41 -8.55 23.85
N ASP A 518 7.81 -7.94 22.80
CA ASP A 518 7.83 -8.53 21.44
C ASP A 518 8.82 -7.87 20.47
N LEU A 519 9.17 -6.60 20.69
CA LEU A 519 9.97 -5.87 19.70
C LEU A 519 11.35 -6.47 19.49
N ASN A 520 12.07 -6.72 20.60
CA ASN A 520 13.42 -7.23 20.46
C ASN A 520 13.50 -8.61 19.78
N SER A 521 12.57 -9.49 20.12
N SER A 521 12.57 -9.50 20.13
CA SER A 521 12.49 -10.81 19.51
CA SER A 521 12.49 -10.82 19.51
C SER A 521 12.06 -10.76 18.04
C SER A 521 12.08 -10.75 18.03
N LYS A 522 11.09 -9.92 17.74
CA LYS A 522 10.62 -9.76 16.37
C LYS A 522 11.74 -9.23 15.49
N TYR A 523 12.54 -8.32 16.06
CA TYR A 523 13.69 -7.78 15.36
C TYR A 523 14.65 -8.88 14.91
N VAL A 524 15.03 -9.72 15.86
CA VAL A 524 15.92 -10.84 15.57
C VAL A 524 15.32 -11.77 14.51
N LEU A 525 14.04 -12.09 14.66
CA LEU A 525 13.35 -12.95 13.71
C LEU A 525 13.27 -12.35 12.30
N LEU A 526 13.07 -11.05 12.22
CA LEU A 526 13.09 -10.35 10.93
C LEU A 526 14.48 -10.41 10.30
N VAL A 527 15.51 -10.21 11.11
CA VAL A 527 16.86 -10.31 10.60
C VAL A 527 17.10 -11.70 9.99
N TYR A 528 16.81 -12.75 10.74
CA TYR A 528 17.07 -14.11 10.23
C TYR A 528 16.17 -14.47 9.06
N ARG A 529 14.93 -13.98 9.09
CA ARG A 529 14.04 -14.14 7.96
C ARG A 529 14.65 -13.63 6.68
N ASP A 530 15.17 -12.42 6.76
CA ASP A 530 15.70 -11.73 5.58
C ASP A 530 16.95 -12.42 5.02
N TYR A 531 17.75 -13.02 5.89
CA TYR A 531 18.83 -13.93 5.44
C TYR A 531 18.27 -15.21 4.77
N VAL A 532 17.32 -15.87 5.41
CA VAL A 532 16.76 -17.14 4.89
C VAL A 532 16.01 -16.99 3.58
N LEU A 533 15.16 -15.99 3.50
CA LEU A 533 14.33 -15.83 2.33
C LEU A 533 15.04 -15.19 1.13
N THR A 534 16.27 -14.73 1.31
CA THR A 534 17.08 -14.25 0.20
C THR A 534 18.20 -15.25 -0.16
N GLY A 535 18.07 -16.50 0.27
CA GLY A 535 18.92 -17.58 -0.21
C GLY A 535 19.98 -18.07 0.74
N LYS A 536 19.96 -17.62 2.00
CA LYS A 536 21.05 -17.95 2.95
C LYS A 536 22.45 -17.65 2.38
N THR A 537 22.59 -16.53 1.68
CA THR A 537 23.92 -16.18 1.15
C THR A 537 24.50 -14.88 1.71
N ASP A 538 23.66 -14.03 2.30
CA ASP A 538 24.09 -12.68 2.66
C ASP A 538 24.69 -12.68 4.08
N LYS A 539 25.89 -13.22 4.19
CA LYS A 539 26.60 -13.20 5.47
C LYS A 539 26.93 -11.77 5.93
N GLU A 540 27.23 -10.91 4.97
CA GLU A 540 27.50 -9.49 5.24
C GLU A 540 26.34 -8.80 5.99
N PHE A 541 25.09 -9.09 5.60
CA PHE A 541 23.91 -8.58 6.29
C PHE A 541 23.84 -9.14 7.73
N LEU A 542 24.14 -10.43 7.89
CA LEU A 542 24.19 -10.99 9.23
C LEU A 542 25.30 -10.34 10.07
N LYS A 543 26.46 -10.08 9.46
CA LYS A 543 27.57 -9.41 10.16
C LYS A 543 27.24 -7.99 10.62
N TYR A 544 26.62 -7.23 9.71
CA TYR A 544 26.17 -5.87 10.01
C TYR A 544 25.25 -5.85 11.22
N THR A 545 24.35 -6.82 11.33
CA THR A 545 23.28 -6.81 12.33
C THR A 545 23.58 -7.63 13.60
N TRP A 546 24.68 -8.38 13.65
CA TRP A 546 24.91 -9.37 14.72
C TRP A 546 24.99 -8.74 16.10
N LYS A 547 25.78 -7.68 16.25
CA LYS A 547 25.86 -7.02 17.56
C LYS A 547 24.50 -6.56 18.09
N SER A 548 23.68 -5.98 17.21
CA SER A 548 22.35 -5.54 17.58
C SER A 548 21.48 -6.72 17.99
N VAL A 549 21.61 -7.84 17.30
CA VAL A 549 20.83 -9.05 17.61
C VAL A 549 21.18 -9.58 19.01
N LYS A 550 22.47 -9.71 19.28
CA LYS A 550 22.89 -10.15 20.62
C LYS A 550 22.46 -9.20 21.70
N THR A 551 22.62 -7.91 21.43
CA THR A 551 22.19 -6.87 22.38
C THR A 551 20.71 -6.94 22.63
N ALA A 552 19.93 -7.08 21.56
CA ALA A 552 18.49 -7.17 21.71
C ALA A 552 18.08 -8.35 22.59
N LEU A 553 18.63 -9.54 22.34
CA LEU A 553 18.27 -10.72 23.17
C LEU A 553 18.74 -10.57 24.61
N ASP A 554 19.94 -10.05 24.81
CA ASP A 554 20.49 -9.91 26.18
C ASP A 554 19.66 -8.95 27.02
N LYS A 555 19.26 -7.83 26.42
CA LYS A 555 18.39 -6.87 27.11
C LYS A 555 17.01 -7.44 27.45
N LEU A 556 16.42 -8.19 26.53
CA LEU A 556 15.12 -8.80 26.79
C LEU A 556 15.18 -9.87 27.90
N LYS A 557 16.28 -10.62 27.96
CA LYS A 557 16.52 -11.58 29.05
C LYS A 557 16.45 -10.94 30.45
N GLU A 558 16.89 -9.69 30.56
CA GLU A 558 16.79 -8.93 31.82
C GLU A 558 15.35 -8.72 32.28
N MET A 559 14.37 -8.87 31.39
CA MET A 559 12.96 -8.74 31.77
C MET A 559 12.34 -10.04 32.28
N ASP A 560 13.14 -11.08 32.43
CA ASP A 560 12.69 -12.30 33.09
C ASP A 560 12.77 -12.07 34.60
N LYS A 561 11.66 -11.67 35.21
CA LYS A 561 11.61 -11.37 36.65
C LYS A 561 11.65 -12.58 37.56
N ASP A 562 11.15 -13.74 37.09
CA ASP A 562 10.90 -14.88 37.99
C ASP A 562 11.78 -16.08 37.69
N ASN A 563 12.85 -15.85 36.95
CA ASN A 563 13.85 -16.85 36.62
C ASN A 563 13.35 -18.17 35.95
N ASP A 564 12.33 -18.07 35.10
CA ASP A 564 11.92 -19.23 34.29
C ASP A 564 12.59 -19.20 32.90
N GLY A 565 13.45 -18.21 32.66
CA GLY A 565 14.20 -18.09 31.42
C GLY A 565 13.44 -17.37 30.28
N ILE A 566 12.30 -16.79 30.60
CA ILE A 566 11.42 -16.16 29.61
C ILE A 566 11.07 -14.74 30.08
N PRO A 567 11.16 -13.73 29.19
CA PRO A 567 10.67 -12.42 29.63
C PRO A 567 9.23 -12.45 30.13
N ASP A 568 8.92 -11.69 31.20
CA ASP A 568 7.58 -11.64 31.82
C ASP A 568 6.80 -10.43 31.32
N ASN A 569 5.60 -10.64 30.80
CA ASN A 569 4.69 -9.55 30.51
C ASN A 569 4.23 -8.96 31.87
N GLU A 570 4.04 -7.64 31.92
CA GLU A 570 3.92 -6.94 33.21
C GLU A 570 2.50 -6.57 33.62
N GLY A 571 1.51 -7.28 33.08
CA GLY A 571 0.12 -7.00 33.43
C GLY A 571 -0.40 -5.75 32.77
N ILE A 572 0.23 -5.38 31.66
CA ILE A 572 -0.16 -4.22 30.87
C ILE A 572 0.01 -4.60 29.38
N PRO A 573 -0.51 -3.77 28.47
CA PRO A 573 -0.28 -4.05 27.04
C PRO A 573 1.13 -3.74 26.57
N ASP A 574 2.07 -4.62 26.90
CA ASP A 574 3.48 -4.42 26.58
C ASP A 574 3.93 -5.19 25.31
N GLN A 575 3.17 -5.00 24.24
CA GLN A 575 3.42 -5.66 22.96
C GLN A 575 2.38 -5.15 21.95
N THR A 576 2.41 -5.71 20.73
CA THR A 576 1.61 -5.21 19.60
C THR A 576 0.12 -5.07 19.84
N TYR A 577 -0.44 -5.96 20.65
CA TYR A 577 -1.82 -5.83 21.10
C TYR A 577 -1.84 -4.80 22.22
N ASP A 578 -1.79 -3.54 21.81
CA ASP A 578 -1.43 -2.45 22.71
C ASP A 578 -2.58 -1.91 23.60
N THR A 579 -3.73 -2.58 23.60
CA THR A 579 -4.70 -2.41 24.70
C THR A 579 -5.05 -3.73 25.38
N TRP A 580 -4.40 -4.83 24.98
CA TRP A 580 -4.70 -6.14 25.51
C TRP A 580 -3.60 -6.59 26.48
N SER A 581 -3.89 -6.58 27.79
CA SER A 581 -2.87 -6.87 28.79
C SER A 581 -2.44 -8.31 28.81
N MET A 582 -1.14 -8.52 28.97
CA MET A 582 -0.58 -9.83 29.17
C MET A 582 0.16 -9.79 30.51
N LYS A 583 0.20 -10.93 31.20
CA LYS A 583 0.86 -11.03 32.52
C LYS A 583 1.49 -12.40 32.69
N GLY A 584 2.77 -12.38 33.04
CA GLY A 584 3.55 -13.60 33.24
C GLY A 584 4.18 -14.07 31.95
N THR A 585 4.14 -15.37 31.72
CA THR A 585 4.63 -15.91 30.45
C THR A 585 3.42 -15.96 29.52
N SER A 586 3.51 -15.28 28.38
CA SER A 586 2.41 -15.33 27.40
C SER A 586 2.79 -16.27 26.25
N ALA A 587 1.78 -16.88 25.63
CA ALA A 587 2.02 -17.75 24.49
C ALA A 587 2.67 -16.93 23.37
N TYR A 588 2.14 -15.73 23.14
CA TYR A 588 2.60 -14.86 22.06
C TYR A 588 4.07 -14.45 22.21
N CYS A 589 4.39 -13.72 23.27
CA CYS A 589 5.76 -13.21 23.43
C CYS A 589 6.72 -14.32 23.78
N GLY A 590 6.21 -15.32 24.51
CA GLY A 590 7.03 -16.47 24.88
C GLY A 590 7.43 -17.28 23.67
N SER A 591 6.51 -17.53 22.73
CA SER A 591 6.87 -18.31 21.53
C SER A 591 7.84 -17.52 20.63
N LEU A 592 7.64 -16.21 20.54
CA LEU A 592 8.53 -15.33 19.76
C LEU A 592 9.94 -15.36 20.33
N TRP A 593 10.03 -15.36 21.65
CA TRP A 593 11.31 -15.46 22.36
C TRP A 593 12.02 -16.77 22.03
N LEU A 594 11.29 -17.88 22.11
CA LEU A 594 11.85 -19.19 21.80
C LEU A 594 12.41 -19.20 20.38
N ALA A 595 11.58 -18.73 19.43
CA ALA A 595 12.01 -18.69 18.04
C ALA A 595 13.21 -17.76 17.84
N ALA A 596 13.23 -16.61 18.50
CA ALA A 596 14.33 -15.68 18.34
C ALA A 596 15.64 -16.28 18.87
N LEU A 597 15.54 -17.01 19.97
CA LEU A 597 16.72 -17.73 20.50
C LEU A 597 17.26 -18.75 19.52
N LYS A 598 16.39 -19.54 18.91
CA LYS A 598 16.80 -20.50 17.89
C LYS A 598 17.41 -19.83 16.66
N ALA A 599 16.81 -18.74 16.21
CA ALA A 599 17.39 -17.97 15.11
C ALA A 599 18.79 -17.49 15.46
N ALA A 600 18.98 -16.94 16.67
CA ALA A 600 20.30 -16.41 17.05
C ALA A 600 21.32 -17.51 17.19
N GLN A 601 20.91 -18.68 17.67
CA GLN A 601 21.81 -19.85 17.66
C GLN A 601 22.31 -20.13 16.28
N GLU A 602 21.43 -20.08 15.29
CA GLU A 602 21.83 -20.38 13.93
C GLU A 602 22.72 -19.32 13.35
N ILE A 603 22.42 -18.05 13.62
CA ILE A 603 23.30 -16.98 13.15
C ILE A 603 24.70 -17.15 13.77
N GLY A 604 24.74 -17.47 15.05
CA GLY A 604 26.00 -17.76 15.74
C GLY A 604 26.80 -18.84 15.03
N LYS A 605 26.13 -19.90 14.61
CA LYS A 605 26.79 -20.98 13.85
C LYS A 605 27.34 -20.44 12.54
N VAL A 606 26.51 -19.70 11.80
CA VAL A 606 26.96 -19.13 10.51
C VAL A 606 28.18 -18.22 10.64
N LEU A 607 28.18 -17.39 11.69
CA LEU A 607 29.26 -16.40 11.89
C LEU A 607 30.40 -16.95 12.76
N LYS A 608 30.31 -18.21 13.16
CA LYS A 608 31.33 -18.86 14.01
C LYS A 608 31.54 -18.12 15.33
N ASP A 609 30.43 -17.74 15.98
CA ASP A 609 30.46 -17.12 17.29
C ASP A 609 30.00 -18.23 18.20
N ASN A 610 30.95 -19.07 18.59
CA ASN A 610 30.63 -20.27 19.38
C ASN A 610 30.02 -19.94 20.74
N GLU A 611 30.55 -18.93 21.41
CA GLU A 611 30.05 -18.58 22.74
C GLU A 611 28.60 -18.06 22.70
N ALA A 612 28.26 -17.33 21.64
CA ALA A 612 26.86 -16.92 21.46
C ALA A 612 25.96 -18.13 21.20
N TYR A 613 26.40 -19.05 20.34
CA TYR A 613 25.65 -20.27 20.10
C TYR A 613 25.33 -21.03 21.41
N ILE A 614 26.37 -21.26 22.20
CA ILE A 614 26.19 -21.99 23.45
C ILE A 614 25.25 -21.28 24.38
N LYS A 615 25.42 -19.97 24.52
CA LYS A 615 24.60 -19.21 25.45
C LYS A 615 23.13 -19.22 25.01
N TYR A 616 22.87 -18.92 23.75
CA TYR A 616 21.49 -18.90 23.28
C TYR A 616 20.90 -20.30 23.25
N ASN A 617 21.70 -21.31 22.93
CA ASN A 617 21.24 -22.69 23.05
C ASN A 617 20.78 -23.02 24.47
N GLU A 618 21.56 -22.61 25.46
CA GLU A 618 21.20 -22.92 26.85
C GLU A 618 19.95 -22.18 27.29
N TRP A 619 19.85 -20.89 26.96
CA TRP A 619 18.63 -20.13 27.25
C TRP A 619 17.43 -20.77 26.58
N TYR A 620 17.61 -21.22 25.35
CA TYR A 620 16.53 -21.84 24.59
C TYR A 620 15.99 -23.12 25.25
N LYS A 621 16.90 -24.02 25.65
CA LYS A 621 16.47 -25.28 26.25
C LYS A 621 15.67 -25.05 27.54
N ILE A 622 16.13 -24.14 28.39
CA ILE A 622 15.45 -23.81 29.64
C ILE A 622 14.09 -23.17 29.37
N ALA A 623 14.09 -22.15 28.52
CA ALA A 623 12.83 -21.46 28.17
C ALA A 623 11.82 -22.39 27.51
N GLN A 624 12.28 -23.24 26.62
CA GLN A 624 11.40 -24.15 25.90
C GLN A 624 10.68 -25.12 26.88
N GLN A 625 11.43 -25.70 27.81
CA GLN A 625 10.87 -26.61 28.81
C GLN A 625 9.84 -25.91 29.67
N ASN A 626 10.16 -24.71 30.14
CA ASN A 626 9.23 -23.97 30.98
C ASN A 626 7.99 -23.45 30.25
N PHE A 627 8.16 -23.03 29.01
CA PHE A 627 7.03 -22.59 28.18
C PHE A 627 6.01 -23.72 28.08
N GLU A 628 6.50 -24.90 27.73
CA GLU A 628 5.63 -26.06 27.58
C GLU A 628 4.93 -26.38 28.91
N LYS A 629 5.70 -26.49 29.99
CA LYS A 629 5.12 -26.77 31.31
C LYS A 629 4.08 -25.73 31.72
N GLU A 630 4.40 -24.45 31.52
CA GLU A 630 3.54 -23.38 32.00
C GLU A 630 2.25 -23.20 31.21
N LEU A 631 2.28 -23.47 29.90
CA LEU A 631 1.18 -23.05 29.03
C LEU A 631 0.42 -24.16 28.32
N TRP A 632 1.03 -25.30 28.07
CA TRP A 632 0.33 -26.38 27.34
C TRP A 632 -0.78 -26.96 28.23
N ASN A 633 -2.03 -26.92 27.77
CA ASN A 633 -3.16 -27.40 28.61
C ASN A 633 -3.82 -28.70 28.15
N GLY A 634 -3.27 -29.34 27.12
CA GLY A 634 -3.81 -30.57 26.56
C GLY A 634 -4.48 -30.40 25.21
N GLU A 635 -4.99 -29.20 24.95
CA GLU A 635 -5.65 -28.87 23.69
C GLU A 635 -5.05 -27.65 22.94
N TYR A 636 -4.58 -26.65 23.68
CA TYR A 636 -3.89 -25.51 23.08
C TYR A 636 -2.94 -24.90 24.12
N TYR A 637 -2.27 -23.81 23.74
CA TYR A 637 -1.41 -23.07 24.67
C TYR A 637 -2.21 -21.93 25.27
N ASN A 638 -2.25 -21.87 26.59
CA ASN A 638 -2.93 -20.78 27.28
C ASN A 638 -2.41 -19.40 26.85
N PHE A 639 -3.30 -18.42 26.88
CA PHE A 639 -2.97 -17.03 26.55
C PHE A 639 -1.78 -16.57 27.38
N ASP A 640 -1.84 -16.79 28.69
CA ASP A 640 -0.68 -16.52 29.54
C ASP A 640 -0.80 -17.22 30.89
N THR A 641 0.10 -16.91 31.82
CA THR A 641 0.09 -17.63 33.10
C THR A 641 -0.60 -16.89 34.25
N GLU A 642 -0.85 -15.59 34.12
CA GLU A 642 -1.35 -14.80 35.27
C GLU A 642 -2.57 -13.89 35.03
N SER A 643 -3.03 -13.74 33.79
CA SER A 643 -4.18 -12.86 33.51
C SER A 643 -5.51 -13.43 33.98
N ASP A 644 -6.50 -12.55 34.10
CA ASP A 644 -7.87 -12.95 34.46
C ASP A 644 -8.52 -13.96 33.50
N HIS A 645 -8.24 -13.86 32.21
CA HIS A 645 -8.73 -14.84 31.24
C HIS A 645 -7.55 -15.55 30.60
N LYS A 646 -6.65 -16.07 31.42
CA LYS A 646 -5.41 -16.68 30.94
C LYS A 646 -5.64 -17.92 30.06
N ASP A 647 -6.84 -18.51 30.15
CA ASP A 647 -7.16 -19.70 29.37
C ASP A 647 -7.91 -19.36 28.07
N SER A 648 -7.97 -18.09 27.71
CA SER A 648 -8.49 -17.73 26.40
C SER A 648 -7.63 -18.37 25.29
N ILE A 649 -8.28 -18.71 24.19
CA ILE A 649 -7.63 -19.24 23.00
C ILE A 649 -7.27 -18.02 22.14
N MET A 650 -5.98 -17.78 21.99
CA MET A 650 -5.50 -16.64 21.20
C MET A 650 -5.20 -17.09 19.76
N ALA A 651 -5.71 -16.35 18.78
CA ALA A 651 -5.43 -16.70 17.40
C ALA A 651 -3.92 -16.76 17.07
N ASP A 652 -3.13 -15.89 17.72
CA ASP A 652 -1.72 -15.69 17.43
C ASP A 652 -0.84 -16.38 18.47
N GLN A 653 -1.39 -17.31 19.22
CA GLN A 653 -0.69 -17.90 20.37
C GLN A 653 0.67 -18.50 20.01
N LEU A 654 0.83 -19.02 18.80
CA LEU A 654 2.10 -19.61 18.39
C LEU A 654 2.84 -18.84 17.28
N ALA A 655 2.76 -17.52 17.31
CA ALA A 655 3.45 -16.70 16.32
C ALA A 655 4.93 -17.05 16.13
N GLY A 656 5.60 -17.41 17.22
CA GLY A 656 6.99 -17.81 17.13
C GLY A 656 7.21 -19.09 16.33
N GLN A 657 6.31 -20.04 16.48
CA GLN A 657 6.41 -21.27 15.68
C GLN A 657 6.10 -21.02 14.19
N TRP A 658 5.16 -20.09 13.90
CA TRP A 658 4.89 -19.68 12.51
C TRP A 658 6.16 -19.20 11.85
N TYR A 659 6.84 -18.26 12.50
CA TYR A 659 8.08 -17.74 11.96
C TYR A 659 9.16 -18.80 11.89
N ALA A 660 9.25 -19.66 12.89
CA ALA A 660 10.25 -20.73 12.84
C ALA A 660 10.03 -21.64 11.61
N ASP A 661 8.78 -21.91 11.25
CA ASP A 661 8.48 -22.66 10.00
C ASP A 661 9.04 -21.94 8.77
N ILE A 662 8.83 -20.64 8.71
CA ILE A 662 9.29 -19.84 7.57
C ILE A 662 10.81 -19.80 7.52
N LEU A 663 11.43 -19.71 8.69
CA LEU A 663 12.87 -19.58 8.79
C LEU A 663 13.58 -20.95 8.74
N ARG A 664 12.79 -22.02 8.64
CA ARG A 664 13.26 -23.41 8.60
C ARG A 664 14.08 -23.77 9.85
N LEU A 665 13.57 -23.34 11.01
CA LEU A 665 14.24 -23.55 12.28
C LEU A 665 13.71 -24.79 12.98
N GLY A 666 12.75 -25.46 12.36
CA GLY A 666 12.23 -26.70 12.91
C GLY A 666 11.23 -26.49 14.02
N ASP A 667 11.07 -27.50 14.84
CA ASP A 667 10.06 -27.47 15.87
C ASP A 667 10.64 -26.70 17.05
N ILE A 668 9.92 -25.70 17.52
CA ILE A 668 10.25 -25.10 18.78
C ILE A 668 9.36 -25.71 19.85
N LEU A 669 8.25 -26.30 19.40
CA LEU A 669 7.28 -26.96 20.26
C LEU A 669 6.89 -28.27 19.57
N PRO A 670 6.32 -29.24 20.32
CA PRO A 670 6.02 -30.55 19.71
C PRO A 670 4.99 -30.44 18.61
N LYS A 671 5.27 -31.09 17.48
CA LYS A 671 4.41 -31.08 16.29
C LYS A 671 2.95 -31.39 16.63
N ASP A 672 2.75 -32.39 17.48
CA ASP A 672 1.41 -32.82 17.86
C ASP A 672 0.66 -31.68 18.54
N HIS A 673 1.33 -31.02 19.47
CA HIS A 673 0.71 -29.91 20.22
C HIS A 673 0.40 -28.71 19.32
N VAL A 674 1.31 -28.42 18.38
CA VAL A 674 1.10 -27.32 17.41
C VAL A 674 -0.13 -27.60 16.56
N GLN A 675 -0.20 -28.83 16.05
CA GLN A 675 -1.34 -29.21 15.22
C GLN A 675 -2.64 -29.12 16.01
N LYS A 676 -2.61 -29.60 17.26
CA LYS A 676 -3.80 -29.52 18.10
C LYS A 676 -4.22 -28.07 18.31
N ALA A 677 -3.24 -27.22 18.56
CA ALA A 677 -3.51 -25.82 18.83
C ALA A 677 -4.12 -25.12 17.59
N LEU A 678 -3.57 -25.39 16.41
CA LEU A 678 -4.08 -24.79 15.16
C LEU A 678 -5.50 -25.25 14.84
N LYS A 679 -5.77 -26.53 15.06
CA LYS A 679 -7.13 -27.05 14.86
C LYS A 679 -8.14 -26.42 15.80
N LYS A 680 -7.72 -26.18 17.04
CA LYS A 680 -8.55 -25.47 18.05
C LYS A 680 -8.87 -24.05 17.59
N ILE A 681 -7.85 -23.34 17.13
CA ILE A 681 -8.01 -21.96 16.63
C ILE A 681 -9.00 -21.94 15.48
N TYR A 682 -8.85 -22.86 14.53
CA TYR A 682 -9.80 -22.96 13.41
C TYR A 682 -11.21 -23.26 13.90
N GLU A 683 -11.32 -24.25 14.78
CA GLU A 683 -12.62 -24.70 15.29
C GLU A 683 -13.34 -23.61 16.07
N PHE A 684 -12.59 -22.81 16.83
CA PHE A 684 -13.15 -21.77 17.70
C PHE A 684 -13.04 -20.35 17.09
N ASN A 685 -11.83 -19.79 17.10
CA ASN A 685 -11.63 -18.38 16.71
C ASN A 685 -12.11 -18.06 15.28
N VAL A 686 -12.05 -19.04 14.38
CA VAL A 686 -12.60 -18.89 13.06
C VAL A 686 -14.08 -19.35 12.97
N MET A 687 -14.30 -20.66 13.11
CA MET A 687 -15.62 -21.25 12.83
C MET A 687 -16.74 -20.89 13.80
N LYS A 688 -16.41 -20.54 15.05
CA LYS A 688 -17.45 -20.05 15.96
C LYS A 688 -17.54 -18.52 15.96
N PHE A 689 -16.82 -17.86 15.05
CA PHE A 689 -16.95 -16.42 14.87
C PHE A 689 -17.66 -16.15 13.55
N GLU A 690 -18.94 -15.79 13.63
CA GLU A 690 -19.76 -15.49 12.46
C GLU A 690 -19.57 -16.53 11.36
N ASN A 691 -19.67 -17.82 11.73
CA ASN A 691 -19.63 -18.90 10.74
C ASN A 691 -18.32 -19.03 9.95
N GLY A 692 -17.22 -18.52 10.50
CA GLY A 692 -15.95 -18.57 9.77
C GLY A 692 -15.91 -17.74 8.49
N LYS A 693 -16.78 -16.75 8.39
CA LYS A 693 -16.85 -15.91 7.18
C LYS A 693 -16.18 -14.54 7.32
N MET A 694 -15.43 -14.31 8.40
CA MET A 694 -14.87 -12.98 8.68
C MET A 694 -13.44 -13.01 9.22
N GLY A 695 -12.74 -14.15 9.12
CA GLY A 695 -11.40 -14.27 9.71
C GLY A 695 -11.37 -14.90 11.10
N ALA A 696 -10.19 -14.80 11.72
CA ALA A 696 -9.98 -15.34 13.06
C ALA A 696 -10.09 -14.22 14.08
N VAL A 697 -11.05 -14.33 14.98
CA VAL A 697 -11.17 -13.35 16.08
C VAL A 697 -10.01 -13.59 17.03
N ASN A 698 -9.49 -12.53 17.64
CA ASN A 698 -8.24 -12.65 18.38
C ASN A 698 -8.30 -13.54 19.60
N GLY A 699 -9.39 -13.42 20.37
CA GLY A 699 -9.50 -14.14 21.65
C GLY A 699 -10.86 -14.80 21.80
N MET A 700 -10.84 -16.11 22.06
CA MET A 700 -12.07 -16.83 22.36
CA MET A 700 -12.04 -16.92 22.27
C MET A 700 -11.97 -17.62 23.65
N ARG A 701 -13.05 -17.59 24.42
CA ARG A 701 -13.09 -18.31 25.69
C ARG A 701 -13.26 -19.79 25.38
N PRO A 702 -12.81 -20.67 26.28
CA PRO A 702 -12.95 -22.11 26.02
C PRO A 702 -14.39 -22.59 25.85
N ASP A 703 -15.38 -21.85 26.32
CA ASP A 703 -16.78 -22.23 26.06
C ASP A 703 -17.27 -21.78 24.67
N GLY A 704 -16.40 -21.25 23.84
CA GLY A 704 -16.77 -20.89 22.48
C GLY A 704 -17.46 -19.55 22.31
N ILE A 705 -17.32 -18.65 23.27
CA ILE A 705 -17.81 -17.28 23.09
C ILE A 705 -16.63 -16.31 23.11
N VAL A 706 -16.77 -15.20 22.39
CA VAL A 706 -15.66 -14.28 22.22
C VAL A 706 -15.26 -13.65 23.56
N ASP A 707 -13.94 -13.56 23.75
CA ASP A 707 -13.35 -12.94 24.94
C ASP A 707 -13.60 -11.42 24.88
N GLU A 708 -14.27 -10.90 25.91
CA GLU A 708 -14.71 -9.50 25.93
C GLU A 708 -13.90 -8.65 26.89
N SER A 709 -12.76 -9.15 27.33
CA SER A 709 -11.93 -8.43 28.27
C SER A 709 -11.29 -7.16 27.70
N ASP A 710 -11.09 -7.11 26.38
CA ASP A 710 -10.65 -5.88 25.71
C ASP A 710 -11.20 -5.86 24.30
N ILE A 711 -11.38 -4.66 23.76
CA ILE A 711 -11.78 -4.51 22.36
C ILE A 711 -10.92 -5.36 21.41
N GLN A 712 -9.61 -5.41 21.64
CA GLN A 712 -8.71 -6.14 20.71
C GLN A 712 -8.96 -7.63 20.69
N ALA A 713 -9.43 -8.18 21.81
CA ALA A 713 -9.79 -9.60 21.90
C ALA A 713 -10.97 -9.93 21.01
N GLN A 714 -11.85 -8.94 20.85
CA GLN A 714 -13.08 -9.07 20.09
C GLN A 714 -12.92 -8.68 18.61
N GLU A 715 -11.71 -8.32 18.21
CA GLU A 715 -11.43 -7.91 16.85
C GLU A 715 -10.80 -9.07 16.06
N VAL A 716 -11.11 -9.10 14.77
CA VAL A 716 -10.33 -9.86 13.81
C VAL A 716 -9.24 -8.91 13.30
N TRP A 717 -7.98 -9.33 13.35
CA TRP A 717 -6.90 -8.53 12.76
C TRP A 717 -6.58 -9.16 11.42
N THR A 718 -6.80 -8.40 10.36
CA THR A 718 -6.60 -8.90 9.00
C THR A 718 -5.21 -9.50 8.77
N GLY A 719 -4.16 -8.82 9.23
CA GLY A 719 -2.78 -9.31 9.10
C GLY A 719 -2.46 -10.55 9.93
N VAL A 720 -3.06 -10.62 11.12
CA VAL A 720 -2.91 -11.80 11.96
C VAL A 720 -3.54 -13.02 11.29
N THR A 721 -4.72 -12.79 10.69
CA THR A 721 -5.49 -13.83 10.09
C THR A 721 -4.82 -14.39 8.84
N TYR A 722 -4.31 -13.52 7.97
CA TYR A 722 -3.55 -14.01 6.83
C TYR A 722 -2.29 -14.75 7.28
N ALA A 723 -1.62 -14.27 8.32
CA ALA A 723 -0.44 -14.97 8.83
C ALA A 723 -0.78 -16.34 9.40
N LEU A 724 -1.89 -16.43 10.09
CA LEU A 724 -2.38 -17.69 10.61
C LEU A 724 -2.71 -18.65 9.46
N ALA A 725 -3.33 -18.13 8.39
CA ALA A 725 -3.57 -18.91 7.19
C ALA A 725 -2.28 -19.50 6.61
N SER A 726 -1.24 -18.67 6.56
CA SER A 726 0.10 -19.11 6.17
C SER A 726 0.60 -20.28 7.04
N PHE A 727 0.48 -20.10 8.35
CA PHE A 727 0.95 -21.08 9.36
C PHE A 727 0.22 -22.42 9.09
N MET A 728 -1.10 -22.33 8.96
CA MET A 728 -1.92 -23.51 8.66
C MET A 728 -1.49 -24.20 7.35
N LYS A 729 -1.28 -23.40 6.32
CA LYS A 729 -0.89 -23.93 5.02
C LYS A 729 0.42 -24.73 5.13
N TYR A 730 1.44 -24.20 5.78
CA TYR A 730 2.71 -24.95 5.73
C TYR A 730 2.70 -26.12 6.74
N ARG A 731 1.72 -26.15 7.64
CA ARG A 731 1.42 -27.34 8.46
C ARG A 731 0.44 -28.34 7.82
N GLY A 732 0.15 -28.17 6.53
CA GLY A 732 -0.67 -29.12 5.80
C GLY A 732 -2.16 -28.99 6.01
N MET A 733 -2.61 -27.97 6.74
CA MET A 733 -4.03 -27.73 6.97
C MET A 733 -4.58 -26.82 5.86
N THR A 734 -4.58 -27.36 4.65
CA THR A 734 -4.83 -26.57 3.44
C THR A 734 -6.24 -26.00 3.40
N GLU A 735 -7.24 -26.85 3.60
CA GLU A 735 -8.61 -26.35 3.60
C GLU A 735 -8.81 -25.28 4.68
N GLU A 736 -8.28 -25.54 5.88
CA GLU A 736 -8.42 -24.60 6.99
C GLU A 736 -7.75 -23.27 6.67
N ALA A 737 -6.56 -23.34 6.12
CA ALA A 737 -5.81 -22.15 5.72
C ALA A 737 -6.59 -21.24 4.77
N TYR A 738 -7.09 -21.81 3.67
CA TYR A 738 -7.81 -21.00 2.70
C TYR A 738 -9.15 -20.55 3.19
N ASN A 739 -9.84 -21.38 3.98
CA ASN A 739 -11.13 -20.96 4.54
C ASN A 739 -10.94 -19.78 5.52
N THR A 740 -9.87 -19.86 6.30
CA THR A 740 -9.51 -18.80 7.25
C THR A 740 -9.24 -17.48 6.52
N ALA A 741 -8.39 -17.53 5.50
CA ALA A 741 -8.10 -16.36 4.66
C ALA A 741 -9.31 -15.85 3.88
N TYR A 742 -10.20 -16.74 3.47
CA TYR A 742 -11.35 -16.36 2.65
C TYR A 742 -12.24 -15.30 3.31
N GLY A 743 -12.42 -15.40 4.62
CA GLY A 743 -13.22 -14.40 5.35
C GLY A 743 -12.66 -12.98 5.22
N VAL A 744 -11.35 -12.87 5.20
CA VAL A 744 -10.71 -11.58 5.04
C VAL A 744 -10.93 -11.04 3.62
N TYR A 745 -10.71 -11.89 2.63
CA TYR A 745 -11.02 -11.56 1.23
C TYR A 745 -12.50 -11.11 1.09
N LYS A 746 -13.40 -11.89 1.69
CA LYS A 746 -14.82 -11.64 1.52
C LYS A 746 -15.23 -10.27 2.05
N MET A 747 -14.80 -10.01 3.28
CA MET A 747 -15.06 -8.75 3.96
C MET A 747 -14.45 -7.56 3.21
N THR A 748 -13.27 -7.76 2.63
CA THR A 748 -12.56 -6.70 1.92
C THR A 748 -13.13 -6.43 0.53
N TYR A 749 -13.29 -7.47 -0.29
CA TYR A 749 -13.57 -7.31 -1.72
C TYR A 749 -14.95 -7.68 -2.24
N ASP A 750 -15.63 -8.57 -1.53
CA ASP A 750 -16.86 -9.17 -2.08
C ASP A 750 -18.06 -8.24 -1.92
N LYS A 751 -19.09 -8.45 -2.75
CA LYS A 751 -20.37 -7.76 -2.61
C LYS A 751 -21.01 -7.96 -1.23
N SER A 752 -20.76 -9.11 -0.61
CA SER A 752 -21.32 -9.42 0.71
C SER A 752 -20.48 -8.83 1.86
N GLY A 753 -19.37 -8.17 1.52
CA GLY A 753 -18.46 -7.59 2.51
C GLY A 753 -18.79 -6.20 2.96
N LYS A 754 -17.77 -5.46 3.40
CA LYS A 754 -17.95 -4.14 4.01
C LYS A 754 -17.28 -2.97 3.25
N GLY A 755 -16.80 -3.27 2.04
CA GLY A 755 -16.30 -2.24 1.13
C GLY A 755 -14.95 -1.64 1.48
N TYR A 756 -13.96 -2.50 1.74
CA TYR A 756 -12.66 -2.03 2.17
C TYR A 756 -11.59 -2.19 1.11
N TRP A 757 -11.99 -2.45 -0.13
CA TRP A 757 -11.05 -2.57 -1.22
C TRP A 757 -10.13 -1.34 -1.31
N PHE A 758 -8.84 -1.60 -1.40
CA PHE A 758 -7.81 -0.58 -1.45
C PHE A 758 -7.75 0.30 -0.22
N ARG A 759 -8.22 -0.26 0.89
CA ARG A 759 -8.04 0.39 2.18
C ARG A 759 -8.19 -0.62 3.30
N THR A 760 -7.63 -1.81 3.10
CA THR A 760 -7.77 -2.91 4.05
C THR A 760 -7.38 -2.42 5.45
N PRO A 761 -8.29 -2.55 6.43
CA PRO A 761 -8.01 -2.06 7.76
C PRO A 761 -7.20 -3.03 8.62
N GLU A 762 -6.72 -2.53 9.75
CA GLU A 762 -6.17 -3.38 10.79
C GLU A 762 -7.20 -4.44 11.23
N ALA A 763 -8.42 -3.98 11.55
CA ALA A 763 -9.32 -4.78 12.37
C ALA A 763 -10.74 -4.52 12.04
N TRP A 764 -11.56 -5.54 12.24
CA TRP A 764 -12.99 -5.31 12.34
C TRP A 764 -13.56 -6.16 13.47
N THR A 765 -14.71 -5.69 13.98
CA THR A 765 -15.53 -6.43 14.95
C THR A 765 -16.61 -7.25 14.23
N LYS A 766 -17.39 -8.00 14.99
CA LYS A 766 -18.36 -8.89 14.39
C LYS A 766 -19.43 -8.19 13.56
N ASP A 767 -19.72 -6.93 13.86
CA ASP A 767 -20.64 -6.14 13.02
C ASP A 767 -20.00 -5.69 11.69
N GLY A 768 -18.71 -5.94 11.51
CA GLY A 768 -18.04 -5.63 10.23
C GLY A 768 -17.44 -4.22 10.18
N ASN A 769 -17.71 -3.41 11.20
CA ASN A 769 -17.14 -2.07 11.27
C ASN A 769 -15.67 -2.15 11.68
N TYR A 770 -14.91 -1.12 11.31
CA TYR A 770 -13.45 -1.23 11.30
C TYR A 770 -12.68 -0.28 12.19
N ARG A 771 -11.41 -0.62 12.37
CA ARG A 771 -10.42 0.26 12.95
C ARG A 771 -9.21 0.31 12.02
N ALA A 772 -8.86 1.55 11.63
CA ALA A 772 -7.62 1.95 10.95
C ALA A 772 -7.53 1.40 9.54
N SER A 773 -8.24 2.04 8.63
CA SER A 773 -8.21 1.70 7.21
C SER A 773 -6.81 2.03 6.66
N MET A 774 -6.46 1.39 5.56
CA MET A 774 -5.16 1.59 4.89
C MET A 774 -4.01 1.21 5.80
N TYR A 775 -3.94 -0.08 6.12
CA TYR A 775 -3.06 -0.61 7.15
C TYR A 775 -2.00 -1.55 6.58
N MET A 776 -0.80 -1.54 7.15
CA MET A 776 0.34 -2.33 6.65
C MET A 776 0.22 -3.83 6.92
N ARG A 777 -0.38 -4.19 8.06
CA ARG A 777 -0.32 -5.56 8.53
C ARG A 777 -0.86 -6.61 7.54
N PRO A 778 -2.00 -6.36 6.86
CA PRO A 778 -2.51 -7.39 5.92
C PRO A 778 -1.63 -7.69 4.69
N LEU A 779 -0.58 -6.91 4.46
CA LEU A 779 0.45 -7.34 3.52
C LEU A 779 1.04 -8.72 3.88
N SER A 780 0.80 -9.19 5.10
CA SER A 780 1.15 -10.56 5.51
C SER A 780 0.55 -11.67 4.64
N ILE A 781 -0.45 -11.36 3.81
CA ILE A 781 -0.93 -12.36 2.84
C ILE A 781 0.22 -12.97 2.02
N TRP A 782 1.26 -12.18 1.73
CA TRP A 782 2.40 -12.71 0.99
C TRP A 782 3.22 -13.78 1.71
N SER A 783 3.05 -13.91 3.03
CA SER A 783 3.57 -15.09 3.75
C SER A 783 2.90 -16.43 3.32
N MET A 784 1.74 -16.35 2.65
CA MET A 784 1.16 -17.52 2.05
C MET A 784 1.89 -17.98 0.75
N GLU A 785 2.85 -17.22 0.25
CA GLU A 785 3.63 -17.55 -0.97
C GLU A 785 5.13 -17.70 -0.73
N VAL A 786 5.54 -18.23 0.41
CA VAL A 786 6.96 -18.09 0.80
C VAL A 786 7.96 -18.81 -0.16
C1 NOJ B . -0.87 1.28 16.88
C2 NOJ B . 0.57 0.88 17.24
O2 NOJ B . 1.47 1.80 16.56
C3 NOJ B . 0.90 -0.58 16.95
O3 NOJ B . 2.13 -0.96 17.54
C4 NOJ B . -0.18 -1.54 17.45
O4 NOJ B . 0.13 -2.88 17.07
C5 NOJ B . -1.53 -1.15 16.89
N5 NOJ B . -1.79 0.23 17.29
C6 NOJ B . -2.65 -2.08 17.32
O6 NOJ B . -3.81 -1.77 16.53
C1 GOL C . 23.45 5.67 3.94
O1 GOL C . 22.36 6.13 4.73
C2 GOL C . 24.79 5.82 4.64
O2 GOL C . 24.64 5.68 6.07
C3 GOL C . 25.76 4.78 4.12
O3 GOL C . 26.49 5.36 3.04
C1 GOL D . 19.31 0.92 -1.02
O1 GOL D . 19.81 1.58 0.15
C2 GOL D . 17.84 0.59 -0.84
O2 GOL D . 17.09 1.80 -0.61
C3 GOL D . 17.24 -0.18 -2.03
O3 GOL D . 17.70 0.26 -3.30
C1 GOL E . 18.78 18.38 -12.93
O1 GOL E . 17.71 18.51 -12.02
C2 GOL E . 20.07 18.54 -12.22
O2 GOL E . 20.82 17.35 -12.49
C3 GOL E . 19.82 18.67 -10.75
O3 GOL E . 19.64 17.33 -10.34
C1 GOL F . -7.19 -12.35 28.10
O1 GOL F . -8.36 -11.60 27.69
C2 GOL F . -6.53 -11.66 29.28
O2 GOL F . -7.33 -11.75 30.46
C3 GOL F . -6.34 -10.18 28.95
O3 GOL F . -5.58 -9.54 29.98
C1 GOL G . -4.63 -6.13 -20.05
O1 GOL G . -5.27 -5.53 -21.18
C2 GOL G . -3.49 -7.09 -20.34
O2 GOL G . -2.78 -6.45 -21.39
C3 GOL G . -2.60 -7.34 -19.11
O3 GOL G . -2.74 -8.63 -18.51
C1 GOL H . -19.31 -4.55 -5.70
O1 GOL H . -20.06 -5.54 -5.02
C2 GOL H . -18.13 -5.20 -6.44
O2 GOL H . -18.62 -5.94 -7.54
C3 GOL H . -17.33 -6.17 -5.60
O3 GOL H . -17.59 -5.97 -4.21
C1 GOL I . 25.68 -8.15 24.01
O1 GOL I . 26.55 -7.70 22.97
C2 GOL I . 25.54 -7.08 25.09
O2 GOL I . 25.46 -5.79 24.46
C3 GOL I . 24.27 -7.28 25.88
O3 GOL I . 23.72 -6.05 26.43
C1 GOL J . 22.71 1.61 6.60
O1 GOL J . 22.41 0.79 5.45
C2 GOL J . 21.43 2.32 7.07
O2 GOL J . 21.28 2.28 8.49
C3 GOL J . 21.43 3.77 6.67
O3 GOL J . 21.41 3.88 5.26
C1 GOL K . -2.74 3.12 19.53
O1 GOL K . -3.06 3.93 18.40
C2 GOL K . -4.04 2.68 20.19
O2 GOL K . -4.85 3.84 20.46
C3 GOL K . -4.78 1.71 19.26
O3 GOL K . -4.68 0.38 19.77
C1 GOL L . 17.23 10.09 19.24
O1 GOL L . 17.36 11.49 18.96
C2 GOL L . 15.84 9.61 18.86
O2 GOL L . 15.82 9.51 17.42
C3 GOL L . 14.79 10.57 19.44
O3 GOL L . 13.42 10.27 19.11
C1 GOL M . 1.90 -7.31 -22.90
O1 GOL M . 2.19 -7.44 -24.30
C2 GOL M . 0.39 -7.39 -22.66
O2 GOL M . 0.11 -6.99 -21.32
C3 GOL M . -0.34 -6.51 -23.67
O3 GOL M . -1.74 -6.53 -23.40
C1 GOL N . 5.57 -18.51 35.35
O1 GOL N . 4.55 -19.43 35.77
C2 GOL N . 5.15 -17.06 35.59
O2 GOL N . 3.72 -16.92 35.71
C3 GOL N . 5.62 -16.20 34.43
O3 GOL N . 7.01 -16.31 34.13
C1 GOL O . 13.34 -7.75 -13.20
O1 GOL O . 13.38 -7.07 -11.94
C2 GOL O . 12.42 -6.89 -14.04
O2 GOL O . 12.01 -7.56 -15.25
C3 GOL O . 13.02 -5.51 -14.33
O3 GOL O . 14.14 -5.08 -13.55
C1 GOL P . 0.21 -34.61 26.79
O1 GOL P . 0.38 -34.42 25.38
C2 GOL P . -1.02 -33.81 27.20
O2 GOL P . -1.61 -33.32 26.01
C3 GOL P . -2.04 -34.68 27.93
O3 GOL P . -3.28 -33.96 28.10
C1 GOL Q . -8.38 6.46 18.88
O1 GOL Q . -8.51 6.57 17.45
C2 GOL Q . -9.65 5.85 19.44
O2 GOL Q . -10.69 6.79 19.25
C3 GOL Q . -9.59 5.54 20.93
O3 GOL Q . -10.93 5.39 21.37
CA CA R . 10.00 -15.19 33.29
C1 EDO S . 2.08 6.92 -1.05
O1 EDO S . 0.92 6.85 -0.24
C2 EDO S . 2.43 8.34 -1.43
O2 EDO S . 2.80 9.16 -0.31
#